data_9MQY
#
_entry.id   9MQY
#
_cell.length_a   1.00
_cell.length_b   1.00
_cell.length_c   1.00
_cell.angle_alpha   90.00
_cell.angle_beta   90.00
_cell.angle_gamma   90.00
#
_symmetry.space_group_name_H-M   'P 1'
#
loop_
_entity.id
_entity.type
_entity.pdbx_description
1 polymer 'NADH:ubiquinone reductase (non-electrogenic)'
2 non-polymer 'FLAVIN-ADENINE DINUCLEOTIDE'
#
_entity_poly.entity_id   1
_entity_poly.type   'polypeptide(L)'
_entity_poly.pdbx_seq_one_letter_code
;MSHPGATASDRHKVVIIGSGFGGLTAAKTLKRADVDVKLIARTTHHLFQPLLYQVATGIISEGEIAPATRVILRKQKNAQ
VLLGDVTHIDLENKTVDSVLLGHTYSTPYDSLIIAAGAGQSYFGNDHFAEFAPGMKSIDDALELRGRILGAFEQAERSSD
PVRRAKLLTFTVVGAGPTGVEMAGQIAELADQTLRGSFRHIDPTEARVILLDAAPAVLPPMGEKLGKKARARLEKMGVEV
QLGAMVTDVDRNGITVKDSDGTIRRIESACKVWSAGVSASPLGKDLAEQSGVELDRAGRVKVQPDLTLPGHPNVFVVGDM
AAVEGVPGVAQGAIQGGRYAAKIIKREVSGTSPKIRTPFEYFDKGSMATVSRFSAVAKVGPVEFAGFFAWLCWLVLHLVY
LVGFKTKIVTLLSWGVTFLSTKRGQLTITEQQAYARTRIEELEEIAAAVQDTEKAASGLSGQPPRSPSSGSSDYKDHDGD
YKDHDIDYKDDDDK
;
_entity_poly.pdbx_strand_id   A,B
#
loop_
_chem_comp.id
_chem_comp.type
_chem_comp.name
_chem_comp.formula
FAD non-polymer 'FLAVIN-ADENINE DINUCLEOTIDE' 'C27 H33 N9 O15 P2'
#
# COMPACT_ATOMS: atom_id res chain seq x y z
N SER A 2 26.53 -19.14 12.25
CA SER A 2 25.62 -19.41 11.14
C SER A 2 26.36 -19.26 9.81
N HIS A 3 25.79 -19.83 8.75
CA HIS A 3 26.37 -19.72 7.43
C HIS A 3 26.25 -18.29 6.89
N PRO A 4 27.08 -17.93 5.93
CA PRO A 4 26.87 -16.68 5.18
C PRO A 4 25.63 -16.76 4.31
N GLY A 5 24.92 -15.65 4.21
CA GLY A 5 23.71 -15.62 3.43
C GLY A 5 23.92 -14.98 2.07
N ALA A 6 24.98 -15.38 1.39
CA ALA A 6 25.39 -14.72 0.15
C ALA A 6 26.35 -15.64 -0.59
N THR A 7 26.59 -15.30 -1.86
CA THR A 7 27.59 -16.01 -2.65
C THR A 7 29.00 -15.70 -2.14
N ALA A 8 29.88 -16.68 -2.29
CA ALA A 8 31.28 -16.53 -1.93
C ALA A 8 32.08 -15.89 -3.06
N SER A 9 33.20 -15.26 -2.69
CA SER A 9 34.12 -14.71 -3.67
C SER A 9 35.53 -14.69 -3.10
N ASP A 10 36.51 -14.74 -4.00
CA ASP A 10 37.92 -14.71 -3.65
C ASP A 10 38.51 -13.30 -3.62
N ARG A 11 37.88 -12.35 -4.32
CA ARG A 11 38.33 -10.97 -4.34
C ARG A 11 37.89 -10.21 -3.09
N HIS A 12 38.33 -8.96 -3.00
CA HIS A 12 38.02 -8.10 -1.87
C HIS A 12 36.52 -7.96 -1.68
N LYS A 13 36.04 -8.17 -0.45
CA LYS A 13 34.62 -8.20 -0.14
C LYS A 13 34.18 -6.89 0.51
N VAL A 14 33.22 -6.21 -0.10
CA VAL A 14 32.64 -4.99 0.44
C VAL A 14 31.20 -5.29 0.83
N VAL A 15 30.85 -5.01 2.08
CA VAL A 15 29.46 -5.07 2.54
C VAL A 15 28.97 -3.64 2.73
N ILE A 16 27.76 -3.38 2.24
CA ILE A 16 27.09 -2.09 2.37
C ILE A 16 25.78 -2.35 3.09
N ILE A 17 25.51 -1.59 4.14
CA ILE A 17 24.29 -1.75 4.92
C ILE A 17 23.37 -0.59 4.58
N GLY A 18 22.16 -0.92 4.15
CA GLY A 18 21.18 0.07 3.78
C GLY A 18 21.09 0.33 2.29
N SER A 19 19.86 0.46 1.80
CA SER A 19 19.56 0.75 0.41
C SER A 19 19.39 2.23 0.11
N GLY A 20 19.44 3.09 1.11
CA GLY A 20 19.22 4.50 0.88
C GLY A 20 20.38 5.18 0.18
N PHE A 21 20.27 6.51 0.10
CA PHE A 21 21.16 7.30 -0.74
C PHE A 21 22.63 6.92 -0.57
N GLY A 22 23.12 6.87 0.66
CA GLY A 22 24.53 6.56 0.85
C GLY A 22 24.90 5.15 0.46
N GLY A 23 24.06 4.18 0.82
CA GLY A 23 24.34 2.80 0.47
C GLY A 23 24.27 2.55 -1.03
N LEU A 24 23.16 2.93 -1.64
CA LEU A 24 23.02 2.73 -3.08
C LEU A 24 24.05 3.52 -3.86
N THR A 25 24.39 4.73 -3.40
CA THR A 25 25.43 5.49 -4.09
C THR A 25 26.79 4.83 -4.00
N ALA A 26 27.15 4.24 -2.86
CA ALA A 26 28.38 3.48 -2.78
C ALA A 26 28.35 2.25 -3.68
N ALA A 27 27.20 1.58 -3.75
CA ALA A 27 27.10 0.43 -4.64
C ALA A 27 27.28 0.84 -6.09
N LYS A 28 26.56 1.86 -6.53
CA LYS A 28 26.69 2.33 -7.91
C LYS A 28 28.09 2.83 -8.19
N THR A 29 28.79 3.34 -7.17
CA THR A 29 30.16 3.81 -7.38
C THR A 29 31.12 2.65 -7.59
N LEU A 30 30.86 1.49 -6.98
CA LEU A 30 31.77 0.36 -7.10
C LEU A 30 31.55 -0.47 -8.36
N LYS A 31 30.71 0.00 -9.28
CA LYS A 31 30.32 -0.79 -10.44
C LYS A 31 31.50 -1.28 -11.26
N ARG A 32 32.64 -0.60 -11.21
CA ARG A 32 33.81 -1.00 -11.99
C ARG A 32 35.02 -1.33 -11.13
N ALA A 33 34.88 -1.37 -9.81
CA ALA A 33 36.00 -1.73 -8.97
C ALA A 33 36.14 -3.25 -8.92
N ASP A 34 37.36 -3.69 -8.60
CA ASP A 34 37.66 -5.11 -8.45
C ASP A 34 37.26 -5.63 -7.07
N VAL A 35 35.99 -5.43 -6.75
CA VAL A 35 35.44 -5.80 -5.44
C VAL A 35 34.15 -6.57 -5.67
N ASP A 36 33.80 -7.38 -4.68
CA ASP A 36 32.52 -8.09 -4.64
C ASP A 36 31.64 -7.45 -3.58
N VAL A 37 30.50 -6.93 -4.00
CA VAL A 37 29.64 -6.08 -3.16
C VAL A 37 28.41 -6.87 -2.74
N LYS A 38 28.17 -6.93 -1.42
CA LYS A 38 26.87 -7.32 -0.88
C LYS A 38 26.22 -6.08 -0.33
N LEU A 39 25.00 -5.78 -0.77
CA LEU A 39 24.20 -4.71 -0.19
C LEU A 39 23.05 -5.31 0.60
N ILE A 40 23.04 -5.10 1.91
CA ILE A 40 22.06 -5.67 2.82
C ILE A 40 21.11 -4.57 3.27
N ALA A 41 19.82 -4.78 3.10
CA ALA A 41 18.87 -3.72 3.42
C ALA A 41 17.62 -4.28 4.07
N ARG A 42 17.07 -3.47 4.98
CA ARG A 42 15.83 -3.81 5.67
C ARG A 42 14.66 -3.97 4.73
N THR A 43 14.71 -3.34 3.55
CA THR A 43 13.62 -3.41 2.59
C THR A 43 14.17 -3.51 1.17
N THR A 44 13.33 -3.98 0.26
CA THR A 44 13.77 -4.22 -1.10
C THR A 44 13.94 -2.95 -1.93
N HIS A 45 13.55 -1.78 -1.43
CA HIS A 45 13.42 -0.61 -2.29
C HIS A 45 14.35 0.51 -1.83
N HIS A 46 14.78 1.33 -2.80
CA HIS A 46 15.49 2.58 -2.55
C HIS A 46 14.46 3.69 -2.41
N LEU A 47 14.07 4.00 -1.18
CA LEU A 47 13.01 4.96 -0.90
C LEU A 47 13.50 6.38 -1.08
N PHE A 48 12.97 7.09 -2.08
CA PHE A 48 13.25 8.52 -2.27
C PHE A 48 12.41 9.32 -1.27
N GLN A 49 12.89 9.35 -0.04
CA GLN A 49 12.18 9.98 1.08
C GLN A 49 11.75 11.43 0.88
N PRO A 50 12.50 12.26 0.17
CA PRO A 50 12.05 13.65 -0.01
C PRO A 50 10.68 13.83 -0.63
N LEU A 51 10.10 12.81 -1.27
CA LEU A 51 8.73 12.88 -1.75
C LEU A 51 7.78 11.99 -0.97
N LEU A 52 8.22 11.47 0.17
CA LEU A 52 7.39 10.54 0.93
C LEU A 52 6.09 11.18 1.39
N TYR A 53 6.11 12.46 1.74
CA TYR A 53 4.88 13.12 2.14
C TYR A 53 3.85 13.16 1.03
N GLN A 54 4.28 13.07 -0.23
CA GLN A 54 3.30 13.04 -1.32
C GLN A 54 2.60 11.70 -1.38
N VAL A 55 3.28 10.64 -0.94
CA VAL A 55 2.60 9.37 -0.72
C VAL A 55 1.65 9.49 0.46
N ALA A 56 2.11 10.11 1.54
CA ALA A 56 1.29 10.18 2.75
C ALA A 56 0.04 11.02 2.58
N THR A 57 -0.02 11.89 1.58
CA THR A 57 -1.20 12.70 1.34
C THR A 57 -1.79 12.45 -0.04
N GLY A 58 -1.53 11.28 -0.63
CA GLY A 58 -2.33 10.78 -1.73
C GLY A 58 -1.96 11.28 -3.10
N ILE A 59 -0.85 12.00 -3.26
CA ILE A 59 -0.55 12.59 -4.56
C ILE A 59 0.03 11.56 -5.52
N ILE A 60 0.95 10.72 -5.05
CA ILE A 60 1.67 9.78 -5.91
C ILE A 60 1.71 8.40 -5.26
N SER A 61 1.88 7.39 -6.11
CA SER A 61 2.00 6.00 -5.69
C SER A 61 3.41 5.67 -5.22
N GLU A 62 3.50 4.62 -4.40
CA GLU A 62 4.78 4.20 -3.82
C GLU A 62 5.81 3.87 -4.89
N GLY A 63 5.41 3.16 -5.93
CA GLY A 63 6.35 2.78 -6.97
C GLY A 63 6.97 3.95 -7.72
N GLU A 64 6.39 5.14 -7.59
CA GLU A 64 7.03 6.33 -8.13
C GLU A 64 8.23 6.78 -7.30
N ILE A 65 8.32 6.40 -6.03
CA ILE A 65 9.41 6.85 -5.18
C ILE A 65 10.23 5.72 -4.59
N ALA A 66 9.82 4.47 -4.71
CA ALA A 66 10.52 3.34 -4.08
C ALA A 66 10.79 2.25 -5.11
N PRO A 67 11.62 2.54 -6.11
CA PRO A 67 12.06 1.48 -7.01
C PRO A 67 12.79 0.37 -6.28
N ALA A 68 12.56 -0.87 -6.71
CA ALA A 68 13.26 -2.01 -6.14
C ALA A 68 14.75 -1.91 -6.40
N THR A 69 15.55 -1.86 -5.34
CA THR A 69 16.98 -1.63 -5.50
C THR A 69 17.66 -2.78 -6.23
N ARG A 70 17.11 -3.99 -6.09
CA ARG A 70 17.53 -5.12 -6.90
C ARG A 70 17.45 -4.83 -8.40
N VAL A 71 16.42 -4.11 -8.83
CA VAL A 71 16.28 -3.79 -10.25
C VAL A 71 17.18 -2.64 -10.68
N ILE A 72 17.45 -1.68 -9.81
CA ILE A 72 18.41 -0.63 -10.13
C ILE A 72 19.78 -1.23 -10.45
N LEU A 73 20.24 -2.15 -9.62
CA LEU A 73 21.55 -2.77 -9.79
C LEU A 73 21.55 -3.95 -10.75
N ARG A 74 20.47 -4.16 -11.51
CA ARG A 74 20.35 -5.36 -12.33
C ARG A 74 21.60 -5.63 -13.15
N LYS A 75 22.09 -4.62 -13.86
CA LYS A 75 23.25 -4.81 -14.73
C LYS A 75 24.58 -4.83 -14.00
N GLN A 76 24.63 -4.50 -12.72
CA GLN A 76 25.89 -4.49 -11.99
C GLN A 76 26.20 -5.90 -11.50
N LYS A 77 26.96 -6.64 -12.31
CA LYS A 77 27.19 -8.05 -12.05
C LYS A 77 28.01 -8.32 -10.80
N ASN A 78 28.75 -7.35 -10.28
CA ASN A 78 29.49 -7.55 -9.04
C ASN A 78 28.71 -7.22 -7.79
N ALA A 79 27.47 -6.77 -7.89
CA ALA A 79 26.67 -6.43 -6.72
C ALA A 79 25.57 -7.46 -6.52
N GLN A 80 25.46 -7.97 -5.30
CA GLN A 80 24.36 -8.79 -4.85
C GLN A 80 23.53 -8.01 -3.84
N VAL A 81 22.28 -7.75 -4.17
CA VAL A 81 21.34 -7.18 -3.22
C VAL A 81 20.77 -8.29 -2.35
N LEU A 82 20.69 -8.03 -1.04
CA LEU A 82 20.25 -8.98 -0.04
C LEU A 82 19.24 -8.30 0.87
N LEU A 83 18.12 -8.96 1.10
CA LEU A 83 17.14 -8.50 2.07
C LEU A 83 17.52 -8.99 3.46
N GLY A 84 17.42 -8.10 4.45
CA GLY A 84 17.67 -8.51 5.81
C GLY A 84 17.79 -7.38 6.79
N ASP A 85 17.20 -7.55 7.97
CA ASP A 85 17.43 -6.68 9.11
C ASP A 85 18.78 -7.03 9.72
N VAL A 86 19.74 -6.11 9.63
CA VAL A 86 21.05 -6.33 10.27
C VAL A 86 20.87 -6.22 11.78
N THR A 87 21.06 -7.32 12.48
CA THR A 87 20.90 -7.35 13.93
C THR A 87 22.20 -7.06 14.68
N HIS A 88 23.36 -7.39 14.10
CA HIS A 88 24.61 -7.14 14.80
C HIS A 88 25.73 -6.93 13.81
N ILE A 89 26.70 -6.12 14.20
CA ILE A 89 27.93 -5.94 13.43
C ILE A 89 29.10 -6.30 14.32
N ASP A 90 29.94 -7.23 13.85
CA ASP A 90 31.12 -7.66 14.58
C ASP A 90 32.33 -7.07 13.88
N LEU A 91 33.06 -6.21 14.60
CA LEU A 91 34.25 -5.52 14.10
C LEU A 91 35.51 -6.34 14.27
N GLU A 92 35.46 -7.40 15.08
CA GLU A 92 36.60 -8.25 15.34
C GLU A 92 36.59 -9.46 14.41
N ASN A 93 35.44 -10.13 14.31
CA ASN A 93 35.26 -11.21 13.37
C ASN A 93 34.81 -10.72 12.00
N LYS A 94 34.93 -9.43 11.73
CA LYS A 94 34.65 -8.84 10.43
C LYS A 94 33.41 -9.43 9.78
N THR A 95 32.29 -9.41 10.51
CA THR A 95 31.09 -10.08 10.03
C THR A 95 29.86 -9.25 10.34
N VAL A 96 28.86 -9.34 9.48
CA VAL A 96 27.58 -8.67 9.70
C VAL A 96 26.50 -9.74 9.86
N ASP A 97 25.79 -9.71 10.97
CA ASP A 97 24.75 -10.68 11.27
C ASP A 97 23.39 -10.03 11.01
N SER A 98 22.53 -10.74 10.28
CA SER A 98 21.26 -10.19 9.86
C SER A 98 20.20 -11.29 9.82
N VAL A 99 18.95 -10.87 9.91
CA VAL A 99 17.81 -11.77 10.09
C VAL A 99 16.79 -11.53 8.98
N LEU A 100 16.21 -12.61 8.47
CA LEU A 100 15.16 -12.53 7.45
C LEU A 100 14.16 -13.65 7.73
N LEU A 101 12.95 -13.25 8.13
CA LEU A 101 11.88 -14.17 8.49
C LEU A 101 12.38 -15.31 9.37
N GLY A 102 13.13 -14.96 10.40
CA GLY A 102 13.61 -15.92 11.36
C GLY A 102 14.83 -16.72 10.97
N HIS A 103 15.38 -16.51 9.77
CA HIS A 103 16.64 -17.12 9.38
C HIS A 103 17.77 -16.13 9.58
N THR A 104 18.85 -16.58 10.21
CA THR A 104 19.94 -15.71 10.62
C THR A 104 21.20 -16.03 9.81
N TYR A 105 21.77 -15.01 9.19
CA TYR A 105 22.92 -15.17 8.31
C TYR A 105 24.04 -14.29 8.83
N SER A 106 25.28 -14.72 8.58
CA SER A 106 26.47 -13.98 8.99
C SER A 106 27.41 -13.78 7.82
N THR A 107 27.37 -12.58 7.23
CA THR A 107 28.08 -12.29 6.00
C THR A 107 29.46 -11.71 6.32
N PRO A 108 30.55 -12.29 5.83
CA PRO A 108 31.86 -11.68 6.09
C PRO A 108 32.07 -10.45 5.22
N TYR A 109 32.96 -9.58 5.68
CA TYR A 109 33.36 -8.43 4.89
C TYR A 109 34.86 -8.19 5.06
N ASP A 110 35.43 -7.53 4.05
CA ASP A 110 36.75 -6.91 4.17
C ASP A 110 36.68 -5.41 4.31
N SER A 111 35.66 -4.76 3.74
CA SER A 111 35.35 -3.37 4.00
C SER A 111 33.86 -3.23 4.20
N LEU A 112 33.45 -2.34 5.09
CA LEU A 112 32.05 -2.18 5.46
C LEU A 112 31.67 -0.72 5.36
N ILE A 113 30.56 -0.44 4.67
CA ILE A 113 29.96 0.89 4.61
C ILE A 113 28.61 0.82 5.30
N ILE A 114 28.46 1.56 6.39
CA ILE A 114 27.24 1.55 7.21
C ILE A 114 26.43 2.78 6.86
N ALA A 115 25.27 2.58 6.24
CA ALA A 115 24.41 3.67 5.79
C ALA A 115 22.99 3.48 6.32
N ALA A 116 22.85 2.97 7.54
CA ALA A 116 21.53 2.72 8.10
C ALA A 116 20.73 3.97 8.41
N GLY A 117 21.36 5.14 8.41
CA GLY A 117 20.63 6.40 8.49
C GLY A 117 20.07 6.69 9.86
N ALA A 118 18.98 7.44 9.90
CA ALA A 118 18.38 7.86 11.17
C ALA A 118 16.87 7.97 11.05
N GLY A 119 16.18 7.80 12.18
CA GLY A 119 14.78 8.12 12.29
C GLY A 119 14.54 9.42 13.03
N GLN A 120 13.27 9.83 13.08
CA GLN A 120 12.85 10.84 14.04
C GLN A 120 12.93 10.30 15.47
N SER A 121 12.80 11.20 16.43
CA SER A 121 12.95 10.87 17.84
C SER A 121 11.84 11.46 18.68
N TYR A 122 11.31 10.65 19.59
CA TYR A 122 10.38 11.09 20.62
C TYR A 122 11.09 11.57 21.88
N PHE A 123 12.40 11.79 21.80
CA PHE A 123 13.23 12.11 22.96
C PHE A 123 13.08 10.98 23.99
N GLY A 124 12.81 11.27 25.25
CA GLY A 124 12.63 10.22 26.25
C GLY A 124 11.32 9.46 26.19
N ASN A 125 10.36 9.89 25.37
CA ASN A 125 8.99 9.44 25.56
C ASN A 125 8.48 8.57 24.42
N ASP A 126 9.25 7.53 24.07
CA ASP A 126 8.95 6.72 22.89
C ASP A 126 7.60 6.02 22.96
N HIS A 127 6.93 5.99 24.12
CA HIS A 127 5.59 5.45 24.15
C HIS A 127 4.61 6.33 23.37
N PHE A 128 5.00 7.55 23.05
CA PHE A 128 4.16 8.37 22.17
C PHE A 128 3.97 7.71 20.83
N ALA A 129 4.88 6.80 20.44
CA ALA A 129 4.84 6.22 19.11
C ALA A 129 3.57 5.45 18.81
N GLU A 130 2.82 5.05 19.83
CA GLU A 130 1.51 4.45 19.58
C GLU A 130 0.54 5.46 19.00
N PHE A 131 0.62 6.70 19.46
CA PHE A 131 -0.39 7.72 19.16
C PHE A 131 0.05 8.71 18.10
N ALA A 132 1.35 8.98 17.95
CA ALA A 132 1.86 9.94 16.98
C ALA A 132 2.85 9.24 16.07
N PRO A 133 2.38 8.64 14.97
CA PRO A 133 3.27 8.00 14.01
C PRO A 133 4.32 8.97 13.48
N GLY A 134 5.53 8.46 13.31
CA GLY A 134 6.59 9.19 12.63
C GLY A 134 6.73 8.71 11.21
N MET A 135 6.65 9.65 10.27
CA MET A 135 6.72 9.33 8.84
C MET A 135 8.17 9.15 8.40
N LYS A 136 8.58 7.90 8.19
CA LYS A 136 9.93 7.58 7.74
C LYS A 136 9.98 6.43 6.77
N SER A 137 8.88 5.72 6.52
CA SER A 137 8.88 4.58 5.62
C SER A 137 7.56 4.57 4.86
N ILE A 138 7.53 3.78 3.78
CA ILE A 138 6.27 3.55 3.08
C ILE A 138 5.20 3.06 4.03
N ASP A 139 5.56 2.20 4.98
CA ASP A 139 4.60 1.78 6.00
C ASP A 139 4.06 2.96 6.78
N ASP A 140 4.92 3.92 7.10
CA ASP A 140 4.47 5.11 7.82
C ASP A 140 3.68 6.05 6.91
N ALA A 141 4.13 6.23 5.67
CA ALA A 141 3.40 7.11 4.79
C ALA A 141 1.97 6.62 4.58
N LEU A 142 1.79 5.32 4.34
CA LEU A 142 0.46 4.77 4.20
C LEU A 142 -0.33 4.75 5.51
N GLU A 143 0.33 4.61 6.66
CA GLU A 143 -0.36 4.78 7.93
C GLU A 143 -0.89 6.20 8.10
N LEU A 144 -0.05 7.21 7.86
CA LEU A 144 -0.52 8.58 7.94
C LEU A 144 -1.65 8.86 6.96
N ARG A 145 -1.54 8.39 5.71
CA ARG A 145 -2.65 8.56 4.79
C ARG A 145 -3.93 7.97 5.35
N GLY A 146 -3.84 6.73 5.86
CA GLY A 146 -5.02 6.09 6.40
C GLY A 146 -5.63 6.79 7.59
N ARG A 147 -4.81 7.28 8.50
CA ARG A 147 -5.33 7.92 9.70
C ARG A 147 -5.81 9.34 9.44
N ILE A 148 -5.22 10.02 8.46
CA ILE A 148 -5.71 11.33 8.06
C ILE A 148 -7.07 11.19 7.39
N LEU A 149 -7.16 10.45 6.29
CA LEU A 149 -8.45 10.33 5.64
C LEU A 149 -9.48 9.70 6.58
N GLY A 150 -9.09 8.70 7.36
CA GLY A 150 -10.03 8.09 8.29
C GLY A 150 -10.50 9.03 9.39
N ALA A 151 -9.80 10.13 9.63
CA ALA A 151 -10.33 11.09 10.59
C ALA A 151 -11.55 11.81 10.03
N PHE A 152 -11.51 12.20 8.76
CA PHE A 152 -12.70 12.76 8.14
C PHE A 152 -13.79 11.71 8.02
N GLU A 153 -13.41 10.47 7.69
CA GLU A 153 -14.40 9.42 7.56
C GLU A 153 -15.13 9.13 8.87
N GLN A 154 -14.46 9.26 10.00
CA GLN A 154 -15.14 9.14 11.30
C GLN A 154 -15.94 10.39 11.64
N ALA A 155 -15.38 11.57 11.37
CA ALA A 155 -16.07 12.81 11.69
C ALA A 155 -17.39 12.95 10.95
N GLU A 156 -17.47 12.42 9.72
CA GLU A 156 -18.73 12.47 8.98
C GLU A 156 -19.87 11.76 9.67
N ARG A 157 -19.60 10.70 10.44
CA ARG A 157 -20.65 9.97 11.11
C ARG A 157 -20.95 10.49 12.52
N SER A 158 -19.96 11.08 13.19
CA SER A 158 -20.05 11.33 14.63
C SER A 158 -21.06 12.42 14.96
N SER A 159 -22.09 12.04 15.72
CA SER A 159 -23.15 12.96 16.14
C SER A 159 -22.66 14.00 17.14
N ASP A 160 -21.68 13.66 17.97
CA ASP A 160 -21.22 14.54 19.04
C ASP A 160 -20.33 15.65 18.49
N PRO A 161 -20.72 16.92 18.62
CA PRO A 161 -19.86 18.01 18.13
C PRO A 161 -18.46 18.04 18.74
N VAL A 162 -18.31 17.67 20.00
CA VAL A 162 -16.99 17.72 20.63
C VAL A 162 -16.08 16.64 20.07
N ARG A 163 -16.64 15.46 19.80
CA ARG A 163 -15.86 14.43 19.14
C ARG A 163 -15.48 14.82 17.72
N ARG A 164 -16.38 15.49 16.99
CA ARG A 164 -16.00 16.00 15.67
C ARG A 164 -14.88 17.04 15.77
N ALA A 165 -14.96 17.94 16.74
CA ALA A 165 -13.88 18.91 16.93
C ALA A 165 -12.56 18.22 17.26
N LYS A 166 -12.60 17.15 18.06
CA LYS A 166 -11.41 16.34 18.29
C LYS A 166 -10.88 15.71 17.01
N LEU A 167 -11.76 15.14 16.21
CA LEU A 167 -11.34 14.42 15.01
C LEU A 167 -10.76 15.36 13.96
N LEU A 168 -11.41 16.49 13.72
CA LEU A 168 -10.99 17.43 12.69
C LEU A 168 -9.90 18.39 13.14
N THR A 169 -9.19 18.12 14.23
CA THR A 169 -8.00 18.87 14.61
C THR A 169 -6.77 18.00 14.38
N PHE A 170 -6.00 18.34 13.36
CA PHE A 170 -4.83 17.56 12.95
C PHE A 170 -3.59 18.25 13.50
N THR A 171 -2.81 17.54 14.31
CA THR A 171 -1.69 18.12 15.01
C THR A 171 -0.39 17.54 14.46
N VAL A 172 0.46 18.41 13.93
CA VAL A 172 1.77 18.04 13.41
C VAL A 172 2.81 18.57 14.39
N VAL A 173 3.73 17.71 14.81
CA VAL A 173 4.75 18.06 15.79
C VAL A 173 6.09 18.15 15.09
N GLY A 174 6.82 19.22 15.37
CA GLY A 174 8.04 19.55 14.67
C GLY A 174 7.83 20.46 13.48
N ALA A 175 8.66 21.50 13.39
CA ALA A 175 8.59 22.50 12.33
C ALA A 175 9.82 22.47 11.44
N GLY A 176 10.49 21.33 11.35
CA GLY A 176 11.42 21.11 10.27
C GLY A 176 10.71 20.86 8.95
N PRO A 177 11.50 20.63 7.91
CA PRO A 177 10.93 20.45 6.57
C PRO A 177 9.76 19.48 6.52
N THR A 178 9.90 18.31 7.12
CA THR A 178 8.83 17.31 7.08
C THR A 178 7.55 17.82 7.72
N GLY A 179 7.67 18.58 8.81
CA GLY A 179 6.48 19.09 9.46
C GLY A 179 5.79 20.18 8.67
N VAL A 180 6.56 21.09 8.09
CA VAL A 180 5.95 22.11 7.24
C VAL A 180 5.31 21.50 6.01
N GLU A 181 5.96 20.51 5.39
CA GLU A 181 5.36 19.79 4.29
C GLU A 181 4.04 19.14 4.67
N MET A 182 4.01 18.42 5.78
CA MET A 182 2.78 17.73 6.17
C MET A 182 1.68 18.72 6.59
N ALA A 183 2.01 19.75 7.35
CA ALA A 183 0.98 20.71 7.72
C ALA A 183 0.41 21.41 6.49
N GLY A 184 1.27 21.78 5.55
CA GLY A 184 0.79 22.35 4.31
C GLY A 184 -0.12 21.42 3.53
N GLN A 185 0.30 20.17 3.36
CA GLN A 185 -0.51 19.24 2.57
C GLN A 185 -1.80 18.86 3.28
N ILE A 186 -1.79 18.67 4.60
CA ILE A 186 -3.04 18.41 5.31
C ILE A 186 -3.99 19.59 5.20
N ALA A 187 -3.45 20.81 5.23
CA ALA A 187 -4.30 21.98 5.03
C ALA A 187 -4.90 22.03 3.63
N GLU A 188 -4.09 21.82 2.60
CA GLU A 188 -4.63 21.79 1.24
C GLU A 188 -5.61 20.65 1.04
N LEU A 189 -5.33 19.49 1.63
CA LEU A 189 -6.21 18.33 1.54
C LEU A 189 -7.58 18.62 2.15
N ALA A 190 -7.61 19.23 3.33
CA ALA A 190 -8.88 19.61 3.92
C ALA A 190 -9.57 20.71 3.13
N ASP A 191 -8.82 21.74 2.73
CA ASP A 191 -9.41 22.93 2.15
C ASP A 191 -9.84 22.74 0.69
N GLN A 192 -9.12 21.95 -0.09
CA GLN A 192 -9.33 21.88 -1.53
C GLN A 192 -9.79 20.51 -2.02
N THR A 193 -9.01 19.46 -1.78
CA THR A 193 -9.33 18.18 -2.39
C THR A 193 -10.63 17.59 -1.86
N LEU A 194 -10.85 17.68 -0.57
CA LEU A 194 -12.05 17.12 0.05
C LEU A 194 -13.24 18.07 0.03
N ARG A 195 -13.05 19.30 -0.45
CA ARG A 195 -14.12 20.29 -0.41
C ARG A 195 -15.35 19.78 -1.14
N GLY A 196 -16.50 19.83 -0.45
CA GLY A 196 -17.75 19.40 -1.02
C GLY A 196 -17.97 17.91 -1.12
N SER A 197 -17.01 17.10 -0.69
CA SER A 197 -17.15 15.65 -0.74
C SER A 197 -17.87 15.10 0.49
N PHE A 198 -18.42 15.96 1.33
CA PHE A 198 -19.00 15.55 2.60
C PHE A 198 -20.36 16.22 2.77
N ARG A 199 -21.17 15.66 3.65
CA ARG A 199 -22.54 16.14 3.86
C ARG A 199 -22.82 16.56 5.28
N HIS A 200 -22.22 15.92 6.27
CA HIS A 200 -22.46 16.28 7.66
C HIS A 200 -21.43 17.27 8.18
N ILE A 201 -20.15 17.02 7.94
CA ILE A 201 -19.10 17.96 8.23
C ILE A 201 -18.86 18.85 7.02
N ASP A 202 -18.19 19.98 7.23
CA ASP A 202 -17.49 20.67 6.17
C ASP A 202 -15.99 20.59 6.43
N PRO A 203 -15.22 19.90 5.61
CA PRO A 203 -13.79 19.75 5.89
C PRO A 203 -13.03 21.05 6.01
N THR A 204 -13.49 22.13 5.41
CA THR A 204 -12.79 23.41 5.52
C THR A 204 -12.82 23.98 6.93
N GLU A 205 -13.63 23.44 7.82
CA GLU A 205 -13.59 23.83 9.23
C GLU A 205 -12.49 23.13 10.01
N ALA A 206 -11.80 22.16 9.41
CA ALA A 206 -10.75 21.45 10.12
C ALA A 206 -9.61 22.39 10.52
N ARG A 207 -9.03 22.12 11.68
CA ARG A 207 -7.88 22.85 12.20
C ARG A 207 -6.62 22.03 11.95
N VAL A 208 -5.59 22.67 11.43
CA VAL A 208 -4.26 22.08 11.35
C VAL A 208 -3.31 22.88 12.24
N ILE A 209 -2.69 22.20 13.20
CA ILE A 209 -1.85 22.84 14.21
C ILE A 209 -0.43 22.31 14.03
N LEU A 210 0.54 23.22 14.02
CA LEU A 210 1.95 22.87 13.88
C LEU A 210 2.69 23.27 15.15
N LEU A 211 3.19 22.28 15.88
CA LEU A 211 3.84 22.48 17.17
C LEU A 211 5.35 22.30 17.03
N ASP A 212 6.11 23.25 17.58
CA ASP A 212 7.53 23.00 17.81
C ASP A 212 7.99 23.78 19.02
N ALA A 213 8.95 23.21 19.74
CA ALA A 213 9.65 23.92 20.81
C ALA A 213 10.65 24.93 20.30
N ALA A 214 11.10 24.80 19.06
CA ALA A 214 11.96 25.80 18.47
C ALA A 214 11.24 27.14 18.35
N PRO A 215 11.98 28.25 18.41
CA PRO A 215 11.35 29.56 18.29
C PRO A 215 11.09 30.00 16.86
N ALA A 216 11.52 29.24 15.85
CA ALA A 216 11.30 29.61 14.46
C ALA A 216 11.03 28.37 13.63
N VAL A 217 10.21 28.54 12.59
CA VAL A 217 10.02 27.53 11.58
C VAL A 217 11.27 27.41 10.71
N LEU A 218 11.59 26.18 10.30
CA LEU A 218 12.77 25.88 9.51
C LEU A 218 14.03 26.54 10.08
N PRO A 219 14.41 26.20 11.30
CA PRO A 219 15.63 26.74 11.89
C PRO A 219 16.82 26.68 10.96
N PRO A 220 16.97 25.64 10.14
CA PRO A 220 18.11 25.59 9.22
C PRO A 220 18.20 26.73 8.22
N MET A 221 17.09 27.38 7.88
CA MET A 221 17.06 28.28 6.73
C MET A 221 17.13 29.75 7.15
N GLY A 222 17.33 30.03 8.42
CA GLY A 222 17.41 31.40 8.91
C GLY A 222 16.06 32.08 9.02
N GLU A 223 16.09 33.24 9.69
CA GLU A 223 14.87 33.90 10.12
C GLU A 223 14.03 34.35 8.93
N LYS A 224 14.66 34.85 7.87
CA LYS A 224 13.93 35.43 6.75
C LYS A 224 13.03 34.41 6.05
N LEU A 225 13.62 33.31 5.60
CA LEU A 225 12.84 32.25 4.98
C LEU A 225 11.94 31.54 5.98
N GLY A 226 12.35 31.43 7.23
CA GLY A 226 11.45 30.93 8.26
C GLY A 226 10.18 31.76 8.37
N LYS A 227 10.33 33.08 8.42
CA LYS A 227 9.18 33.97 8.46
C LYS A 227 8.32 33.84 7.21
N LYS A 228 8.92 33.77 6.02
CA LYS A 228 8.11 33.62 4.83
C LYS A 228 7.34 32.30 4.81
N ALA A 229 7.97 31.22 5.26
CA ALA A 229 7.27 29.95 5.38
C ALA A 229 6.13 30.02 6.39
N ARG A 230 6.40 30.57 7.58
CA ARG A 230 5.34 30.72 8.56
C ARG A 230 4.20 31.58 8.04
N ALA A 231 4.52 32.70 7.38
CA ALA A 231 3.48 33.56 6.85
C ALA A 231 2.63 32.84 5.82
N ARG A 232 3.25 32.01 4.98
CA ARG A 232 2.47 31.20 4.05
C ARG A 232 1.57 30.20 4.78
N LEU A 233 2.12 29.49 5.76
CA LEU A 233 1.30 28.55 6.52
C LEU A 233 0.13 29.25 7.20
N GLU A 234 0.38 30.36 7.86
CA GLU A 234 -0.68 31.11 8.52
C GLU A 234 -1.71 31.63 7.54
N LYS A 235 -1.29 32.03 6.35
CA LYS A 235 -2.26 32.44 5.34
C LYS A 235 -3.10 31.27 4.87
N MET A 236 -2.57 30.05 4.92
CA MET A 236 -3.36 28.86 4.67
C MET A 236 -4.24 28.47 5.85
N GLY A 237 -4.15 29.20 6.97
CA GLY A 237 -4.90 28.87 8.16
C GLY A 237 -4.34 27.76 9.01
N VAL A 238 -3.08 27.37 8.78
CA VAL A 238 -2.39 26.52 9.74
C VAL A 238 -2.08 27.35 10.98
N GLU A 239 -2.48 26.85 12.15
CA GLU A 239 -2.24 27.54 13.41
C GLU A 239 -0.87 27.13 13.94
N VAL A 240 0.16 27.87 13.53
CA VAL A 240 1.52 27.61 13.97
C VAL A 240 1.67 28.02 15.42
N GLN A 241 2.10 27.07 16.26
CA GLN A 241 2.31 27.28 17.69
C GLN A 241 3.77 26.95 18.03
N LEU A 242 4.62 27.96 17.99
CA LEU A 242 6.03 27.80 18.32
C LEU A 242 6.27 27.98 19.81
N GLY A 243 7.45 27.53 20.26
CA GLY A 243 7.80 27.60 21.66
C GLY A 243 7.01 26.67 22.56
N ALA A 244 6.39 25.64 22.00
CA ALA A 244 5.55 24.72 22.74
C ALA A 244 6.24 23.36 22.82
N MET A 245 6.46 22.88 24.04
CA MET A 245 7.11 21.59 24.25
C MET A 245 6.03 20.58 24.60
N VAL A 246 5.99 19.47 23.86
CA VAL A 246 5.07 18.39 24.17
C VAL A 246 5.47 17.73 25.48
N THR A 247 4.52 17.62 26.39
CA THR A 247 4.72 16.94 27.66
C THR A 247 3.98 15.61 27.75
N ASP A 248 2.86 15.46 27.06
CA ASP A 248 2.19 14.17 27.03
C ASP A 248 1.38 14.02 25.76
N VAL A 249 1.16 12.77 25.36
CA VAL A 249 0.37 12.46 24.17
C VAL A 249 -0.56 11.31 24.50
N ASP A 250 -1.80 11.41 24.03
CA ASP A 250 -2.83 10.43 24.31
C ASP A 250 -3.55 10.10 23.02
N ARG A 251 -4.31 9.01 23.07
CA ARG A 251 -5.30 8.74 22.04
C ARG A 251 -6.15 9.95 21.75
N ASN A 252 -6.43 10.77 22.75
CA ASN A 252 -7.28 11.93 22.56
C ASN A 252 -6.56 13.20 22.17
N GLY A 253 -5.24 13.34 22.38
CA GLY A 253 -4.67 14.66 22.13
C GLY A 253 -3.23 14.79 22.56
N ILE A 254 -2.82 16.04 22.75
CA ILE A 254 -1.48 16.38 23.22
C ILE A 254 -1.60 17.38 24.36
N THR A 255 -0.81 17.22 25.40
CA THR A 255 -0.65 18.23 26.43
C THR A 255 0.72 18.86 26.29
N VAL A 256 0.75 20.19 26.13
CA VAL A 256 2.00 20.93 25.88
C VAL A 256 2.23 21.94 26.99
N LYS A 257 3.50 22.16 27.28
CA LYS A 257 3.99 23.23 28.14
C LYS A 257 4.76 24.20 27.27
N ASP A 258 4.39 25.48 27.30
CA ASP A 258 5.00 26.47 26.44
C ASP A 258 6.04 27.30 27.19
N SER A 259 6.75 28.14 26.42
CA SER A 259 7.80 29.01 26.96
C SER A 259 7.29 29.99 27.99
N ASP A 260 6.00 30.31 28.00
CA ASP A 260 5.44 31.07 29.11
C ASP A 260 5.30 30.24 30.38
N GLY A 261 5.52 28.94 30.30
CA GLY A 261 5.34 28.05 31.43
C GLY A 261 3.92 27.58 31.64
N THR A 262 3.01 27.89 30.73
CA THR A 262 1.62 27.53 30.87
C THR A 262 1.42 26.13 30.32
N ILE A 263 0.41 25.43 30.85
CA ILE A 263 0.03 24.13 30.36
C ILE A 263 -1.26 24.28 29.59
N ARG A 264 -1.32 23.69 28.40
CA ARG A 264 -2.58 23.62 27.66
C ARG A 264 -2.67 22.30 26.93
N ARG A 265 -3.90 21.93 26.58
CA ARG A 265 -4.17 20.68 25.88
C ARG A 265 -4.79 20.93 24.52
N ILE A 266 -4.19 20.34 23.49
CA ILE A 266 -4.73 20.31 22.14
C ILE A 266 -5.44 18.97 21.97
N GLU A 267 -6.76 18.96 22.09
CA GLU A 267 -7.53 17.79 21.73
C GLU A 267 -7.42 17.52 20.24
N SER A 268 -6.99 16.32 19.87
CA SER A 268 -6.62 16.03 18.48
C SER A 268 -6.49 14.53 18.26
N ALA A 269 -7.31 13.98 17.37
CA ALA A 269 -7.27 12.55 17.09
C ALA A 269 -6.03 12.16 16.28
N CYS A 270 -5.82 12.81 15.13
CA CYS A 270 -4.69 12.49 14.27
C CYS A 270 -3.47 13.32 14.64
N LYS A 271 -2.38 12.66 14.99
CA LYS A 271 -1.10 13.30 15.26
C LYS A 271 -0.08 12.82 14.23
N VAL A 272 0.88 13.68 13.92
CA VAL A 272 2.05 13.34 13.13
C VAL A 272 3.28 13.80 13.89
N TRP A 273 4.26 12.92 14.03
CA TRP A 273 5.51 13.25 14.69
C TRP A 273 6.63 13.39 13.67
N SER A 274 7.38 14.47 13.77
CA SER A 274 8.50 14.72 12.87
C SER A 274 9.67 15.40 13.57
N ALA A 275 9.60 15.63 14.88
CA ALA A 275 10.65 16.29 15.63
C ALA A 275 11.85 15.38 15.87
N GLY A 276 13.00 16.01 16.07
CA GLY A 276 14.23 15.36 16.47
C GLY A 276 14.83 14.37 15.50
N VAL A 277 15.95 13.76 15.89
CA VAL A 277 16.57 12.65 15.17
C VAL A 277 17.16 11.68 16.18
N SER A 278 17.16 10.40 15.82
CA SER A 278 17.99 9.41 16.49
C SER A 278 18.58 8.47 15.46
N ALA A 279 19.89 8.24 15.54
CA ALA A 279 20.56 7.37 14.60
C ALA A 279 20.06 5.94 14.74
N SER A 280 20.33 5.14 13.72
CA SER A 280 20.03 3.71 13.80
C SER A 280 20.66 3.09 15.04
N PRO A 281 19.95 2.21 15.74
CA PRO A 281 20.48 1.61 16.97
C PRO A 281 21.85 0.95 16.83
N LEU A 282 22.20 0.57 15.59
CA LEU A 282 23.52 0.02 15.32
C LEU A 282 24.65 0.86 15.87
N GLY A 283 24.45 2.17 16.02
CA GLY A 283 25.50 2.98 16.63
C GLY A 283 25.97 2.48 17.98
N LYS A 284 25.07 1.90 18.79
CA LYS A 284 25.52 1.37 20.07
C LYS A 284 26.49 0.23 19.88
N ASP A 285 26.23 -0.64 18.92
CA ASP A 285 27.12 -1.78 18.73
C ASP A 285 28.51 -1.28 18.37
N LEU A 286 28.58 -0.21 17.58
CA LEU A 286 29.90 0.33 17.25
C LEU A 286 30.53 0.99 18.46
N ALA A 287 29.76 1.76 19.22
CA ALA A 287 30.30 2.42 20.40
C ALA A 287 30.68 1.46 21.51
N GLU A 288 30.11 0.25 21.50
CA GLU A 288 30.60 -0.77 22.41
C GLU A 288 31.91 -1.38 21.91
N GLN A 289 32.02 -1.64 20.61
CA GLN A 289 33.20 -2.33 20.11
C GLN A 289 34.38 -1.40 19.85
N SER A 290 34.16 -0.09 19.77
CA SER A 290 35.23 0.83 19.45
C SER A 290 35.06 2.10 20.27
N GLY A 291 36.14 2.85 20.40
CA GLY A 291 36.15 4.07 21.18
C GLY A 291 35.38 5.22 20.56
N VAL A 292 34.52 4.93 19.58
CA VAL A 292 33.82 6.01 18.90
C VAL A 292 32.79 6.62 19.83
N GLU A 293 32.68 7.94 19.79
CA GLU A 293 31.66 8.68 20.53
C GLU A 293 30.35 8.70 19.75
N LEU A 294 29.27 8.95 20.49
CA LEU A 294 27.96 9.20 19.89
C LEU A 294 27.50 10.60 20.23
N ASP A 295 26.77 11.21 19.29
CA ASP A 295 25.97 12.38 19.58
C ASP A 295 24.90 12.07 20.64
N ARG A 296 24.27 13.12 21.14
CA ARG A 296 23.01 12.95 21.85
C ARG A 296 21.99 12.22 20.99
N ALA A 297 22.01 12.48 19.69
CA ALA A 297 21.20 11.75 18.73
C ALA A 297 21.71 10.34 18.48
N GLY A 298 22.81 9.93 19.09
CA GLY A 298 23.36 8.63 18.81
C GLY A 298 24.09 8.52 17.49
N ARG A 299 24.16 9.60 16.72
CA ARG A 299 24.95 9.59 15.50
C ARG A 299 26.42 9.38 15.81
N VAL A 300 27.10 8.62 14.95
CA VAL A 300 28.48 8.21 15.18
C VAL A 300 29.41 9.34 14.77
N LYS A 301 30.26 9.77 15.70
CA LYS A 301 31.29 10.79 15.42
C LYS A 301 32.47 10.15 14.68
N VAL A 302 32.22 9.84 13.40
CA VAL A 302 33.27 9.26 12.57
C VAL A 302 34.48 10.19 12.50
N GLN A 303 35.63 9.59 12.22
CA GLN A 303 36.87 10.32 11.97
C GLN A 303 36.78 11.10 10.66
N PRO A 304 37.74 11.99 10.41
CA PRO A 304 37.65 12.85 9.23
C PRO A 304 37.55 12.11 7.91
N ASP A 305 37.96 10.84 7.84
CA ASP A 305 37.74 10.03 6.65
C ASP A 305 36.50 9.14 6.75
N LEU A 306 35.56 9.50 7.61
CA LEU A 306 34.34 8.75 7.88
C LEU A 306 34.59 7.35 8.44
N THR A 307 35.81 7.00 8.82
CA THR A 307 36.03 5.69 9.42
C THR A 307 35.83 5.73 10.93
N LEU A 308 35.67 4.54 11.50
CA LEU A 308 35.74 4.36 12.94
C LEU A 308 37.19 4.40 13.43
N PRO A 309 37.42 4.94 14.62
CA PRO A 309 38.75 4.81 15.22
C PRO A 309 39.23 3.37 15.26
N GLY A 310 40.44 3.14 14.76
CA GLY A 310 41.02 1.81 14.76
C GLY A 310 40.45 0.83 13.77
N HIS A 311 39.53 1.23 12.89
CA HIS A 311 38.98 0.34 11.87
C HIS A 311 39.00 1.05 10.53
N PRO A 312 40.19 1.23 9.94
CA PRO A 312 40.31 2.04 8.72
C PRO A 312 39.45 1.59 7.56
N ASN A 313 38.84 0.41 7.62
CA ASN A 313 38.01 -0.09 6.53
C ASN A 313 36.52 -0.12 6.84
N VAL A 314 36.10 0.44 7.97
CA VAL A 314 34.69 0.53 8.32
C VAL A 314 34.27 1.99 8.26
N PHE A 315 33.29 2.30 7.40
CA PHE A 315 32.87 3.66 7.15
C PHE A 315 31.41 3.81 7.57
N VAL A 316 31.06 4.98 8.08
CA VAL A 316 29.67 5.36 8.32
C VAL A 316 29.36 6.58 7.47
N VAL A 317 28.22 6.56 6.80
CA VAL A 317 27.86 7.60 5.85
C VAL A 317 26.40 7.96 6.01
N GLY A 318 26.04 9.15 5.54
CA GLY A 318 24.68 9.63 5.64
C GLY A 318 24.28 10.03 7.04
N ASP A 319 22.96 9.97 7.30
CA ASP A 319 22.42 10.54 8.52
C ASP A 319 22.95 9.86 9.77
N MET A 320 23.51 8.67 9.64
CA MET A 320 24.08 7.98 10.78
C MET A 320 25.39 8.61 11.26
N ALA A 321 26.06 9.38 10.42
CA ALA A 321 27.36 9.94 10.73
C ALA A 321 27.24 11.39 11.20
N ALA A 322 27.84 11.68 12.35
CA ALA A 322 27.89 13.03 12.91
C ALA A 322 29.09 13.81 12.36
N VAL A 323 29.18 13.90 11.04
CA VAL A 323 30.28 14.63 10.43
C VAL A 323 30.13 16.11 10.74
N GLU A 324 31.22 16.73 11.19
CA GLU A 324 31.21 18.15 11.54
C GLU A 324 30.80 19.00 10.35
N GLY A 325 29.83 19.87 10.56
CA GLY A 325 29.41 20.81 9.54
C GLY A 325 28.64 20.24 8.37
N VAL A 326 28.27 18.98 8.40
CA VAL A 326 27.54 18.35 7.30
C VAL A 326 26.09 18.19 7.72
N PRO A 327 25.14 18.75 7.00
CA PRO A 327 23.74 18.64 7.40
C PRO A 327 23.14 17.29 7.05
N GLY A 328 22.10 16.93 7.79
CA GLY A 328 21.40 15.68 7.58
C GLY A 328 20.49 15.70 6.37
N VAL A 329 21.09 15.78 5.18
CA VAL A 329 20.34 15.93 3.93
C VAL A 329 20.86 14.91 2.93
N ALA A 330 20.02 14.65 1.92
CA ALA A 330 20.34 13.59 0.95
C ALA A 330 21.67 13.80 0.27
N GLN A 331 22.05 15.05 0.01
CA GLN A 331 23.37 15.28 -0.56
C GLN A 331 24.50 14.93 0.38
N GLY A 332 24.29 15.04 1.70
CA GLY A 332 25.32 14.58 2.61
C GLY A 332 25.51 13.07 2.59
N ALA A 333 24.41 12.33 2.41
CA ALA A 333 24.51 10.88 2.24
C ALA A 333 25.16 10.52 0.91
N ILE A 334 24.68 11.10 -0.18
CA ILE A 334 25.25 10.81 -1.49
C ILE A 334 26.74 11.09 -1.51
N GLN A 335 27.16 12.27 -1.04
CA GLN A 335 28.57 12.58 -1.05
C GLN A 335 29.38 11.70 -0.10
N GLY A 336 28.86 11.38 1.08
CA GLY A 336 29.60 10.50 1.97
C GLY A 336 29.78 9.10 1.41
N GLY A 337 28.71 8.53 0.86
CA GLY A 337 28.81 7.23 0.24
C GLY A 337 29.74 7.19 -0.96
N ARG A 338 29.63 8.19 -1.82
CA ARG A 338 30.56 8.29 -2.94
C ARG A 338 32.00 8.42 -2.47
N TYR A 339 32.24 9.18 -1.41
CA TYR A 339 33.59 9.31 -0.87
C TYR A 339 34.13 7.98 -0.37
N ALA A 340 33.37 7.30 0.48
CA ALA A 340 33.82 6.03 1.01
C ALA A 340 34.07 5.00 -0.09
N ALA A 341 33.14 4.88 -1.04
CA ALA A 341 33.33 3.97 -2.15
C ALA A 341 34.55 4.33 -3.01
N LYS A 342 34.78 5.61 -3.23
CA LYS A 342 36.00 6.00 -3.96
C LYS A 342 37.27 5.66 -3.19
N ILE A 343 37.25 5.79 -1.86
CA ILE A 343 38.41 5.35 -1.08
C ILE A 343 38.66 3.85 -1.25
N ILE A 344 37.59 3.05 -1.18
CA ILE A 344 37.74 1.62 -1.40
C ILE A 344 38.27 1.32 -2.80
N LYS A 345 37.65 1.90 -3.82
CA LYS A 345 38.10 1.69 -5.20
C LYS A 345 39.57 2.07 -5.37
N ARG A 346 39.99 3.18 -4.77
CA ARG A 346 41.36 3.64 -4.90
C ARG A 346 42.35 2.71 -4.21
N GLU A 347 41.98 2.18 -3.04
CA GLU A 347 42.94 1.36 -2.31
C GLU A 347 43.00 -0.08 -2.83
N VAL A 348 41.87 -0.66 -3.22
CA VAL A 348 41.90 -2.03 -3.72
C VAL A 348 42.70 -2.14 -5.02
N SER A 349 42.65 -1.11 -5.86
CA SER A 349 43.39 -1.12 -7.12
C SER A 349 44.87 -0.88 -6.94
N GLY A 350 45.35 -0.72 -5.71
CA GLY A 350 46.74 -0.38 -5.45
C GLY A 350 47.11 1.05 -5.74
N THR A 351 46.12 1.90 -6.04
CA THR A 351 46.34 3.31 -6.30
C THR A 351 46.33 4.12 -5.02
N SER A 352 46.58 3.47 -3.88
CA SER A 352 46.38 4.11 -2.59
C SER A 352 47.37 5.26 -2.39
N PRO A 353 46.90 6.38 -1.85
CA PRO A 353 47.83 7.37 -1.29
C PRO A 353 48.32 6.93 0.08
N LYS A 354 49.45 7.50 0.48
CA LYS A 354 49.97 7.23 1.80
C LYS A 354 49.07 7.79 2.90
N ILE A 355 48.36 8.89 2.63
CA ILE A 355 47.38 9.43 3.56
C ILE A 355 46.11 9.77 2.79
N ARG A 356 44.96 9.38 3.34
CA ARG A 356 43.68 9.75 2.75
C ARG A 356 43.41 11.23 2.96
N THR A 357 42.97 11.90 1.90
CA THR A 357 42.45 13.25 2.03
C THR A 357 41.11 13.25 2.77
N PRO A 358 40.93 14.08 3.80
CA PRO A 358 39.64 14.12 4.50
C PRO A 358 38.44 14.33 3.59
N PHE A 359 37.27 13.95 4.08
CA PHE A 359 36.01 14.21 3.40
C PHE A 359 35.68 15.70 3.39
N GLU A 360 35.41 16.25 2.20
CA GLU A 360 34.92 17.62 2.06
C GLU A 360 33.50 17.60 1.52
N TYR A 361 32.56 18.10 2.31
CA TYR A 361 31.18 18.26 1.86
C TYR A 361 31.06 19.51 0.99
N PHE A 362 30.64 19.34 -0.27
CA PHE A 362 30.34 20.46 -1.15
C PHE A 362 28.86 20.83 -1.01
N ASP A 363 28.58 21.92 -0.30
CA ASP A 363 27.22 22.32 0.03
C ASP A 363 26.51 22.89 -1.20
N LYS A 364 25.63 22.09 -1.80
CA LYS A 364 24.81 22.51 -2.93
C LYS A 364 23.64 23.42 -2.56
N GLY A 365 23.50 23.82 -1.29
CA GLY A 365 22.33 24.55 -0.85
C GLY A 365 21.17 23.64 -0.48
N SER A 366 20.09 24.27 -0.02
CA SER A 366 18.95 23.56 0.55
C SER A 366 17.63 24.23 0.20
N MET A 367 16.56 23.43 0.21
CA MET A 367 15.24 23.90 -0.21
C MET A 367 14.20 23.19 0.65
N ALA A 368 13.05 23.83 0.81
CA ALA A 368 11.94 23.22 1.53
C ALA A 368 10.63 23.72 0.93
N THR A 369 9.79 22.79 0.46
CA THR A 369 8.46 23.15 -0.01
C THR A 369 7.53 23.39 1.18
N VAL A 370 6.55 24.28 0.99
CA VAL A 370 5.58 24.56 2.04
C VAL A 370 4.16 24.45 1.52
N SER A 371 3.95 24.68 0.24
CA SER A 371 2.59 24.62 -0.29
C SER A 371 2.65 24.56 -1.81
N ARG A 372 1.52 24.17 -2.39
CA ARG A 372 1.25 24.46 -3.79
C ARG A 372 1.58 25.89 -4.14
N PHE A 373 2.46 26.06 -5.13
CA PHE A 373 2.97 27.36 -5.56
C PHE A 373 3.77 28.12 -4.50
N SER A 374 4.24 27.48 -3.43
CA SER A 374 5.17 28.20 -2.56
C SER A 374 6.16 27.25 -1.91
N ALA A 375 7.40 27.73 -1.82
CA ALA A 375 8.50 27.01 -1.20
C ALA A 375 9.53 28.06 -0.77
N VAL A 376 10.56 27.61 -0.07
CA VAL A 376 11.72 28.43 0.22
C VAL A 376 12.98 27.72 -0.27
N ALA A 377 13.96 28.51 -0.71
CA ALA A 377 15.21 27.99 -1.21
C ALA A 377 16.33 28.94 -0.78
N LYS A 378 17.44 28.35 -0.36
CA LYS A 378 18.67 29.07 -0.05
C LYS A 378 19.83 28.41 -0.79
N VAL A 379 20.58 29.21 -1.53
CA VAL A 379 21.69 28.72 -2.34
C VAL A 379 22.87 29.67 -2.08
N GLY A 380 23.64 29.38 -1.06
CA GLY A 380 24.72 30.24 -0.65
C GLY A 380 24.26 31.65 -0.34
N PRO A 381 24.71 32.60 -1.16
CA PRO A 381 24.35 34.00 -0.91
C PRO A 381 22.93 34.36 -1.28
N VAL A 382 22.25 33.59 -2.13
CA VAL A 382 20.92 33.97 -2.58
C VAL A 382 19.84 33.21 -1.82
N GLU A 383 18.82 33.94 -1.39
CA GLU A 383 17.67 33.37 -0.69
C GLU A 383 16.44 33.82 -1.43
N PHE A 384 15.57 32.88 -1.79
CA PHE A 384 14.39 33.21 -2.57
C PHE A 384 13.26 32.26 -2.19
N ALA A 385 12.04 32.70 -2.48
CA ALA A 385 10.85 32.05 -1.93
C ALA A 385 9.70 32.26 -2.90
N GLY A 386 8.62 31.52 -2.65
CA GLY A 386 7.43 31.61 -3.47
C GLY A 386 7.47 30.71 -4.70
N PHE A 387 6.75 31.14 -5.73
CA PHE A 387 6.47 30.25 -6.87
C PHE A 387 7.74 29.74 -7.53
N PHE A 388 8.70 30.62 -7.79
CA PHE A 388 9.89 30.17 -8.51
C PHE A 388 10.72 29.19 -7.67
N ALA A 389 10.77 29.40 -6.36
CA ALA A 389 11.39 28.41 -5.48
C ALA A 389 10.65 27.07 -5.52
N TRP A 390 9.33 27.10 -5.58
CA TRP A 390 8.57 25.86 -5.64
C TRP A 390 8.78 25.13 -6.96
N LEU A 391 8.75 25.84 -8.07
CA LEU A 391 9.01 25.22 -9.37
C LEU A 391 10.42 24.64 -9.44
N CYS A 392 11.42 25.36 -8.93
CA CYS A 392 12.77 24.83 -8.87
C CYS A 392 12.86 23.60 -7.98
N TRP A 393 12.14 23.60 -6.85
CA TRP A 393 12.11 22.45 -5.98
C TRP A 393 11.53 21.22 -6.68
N LEU A 394 10.42 21.41 -7.38
CA LEU A 394 9.84 20.31 -8.15
C LEU A 394 10.82 19.77 -9.17
N VAL A 395 11.41 20.64 -10.00
CA VAL A 395 12.34 20.16 -11.02
C VAL A 395 13.52 19.41 -10.40
N LEU A 396 14.09 19.96 -9.33
CA LEU A 396 15.21 19.32 -8.68
C LEU A 396 14.86 17.94 -8.16
N HIS A 397 13.72 17.81 -7.50
CA HIS A 397 13.40 16.51 -6.93
C HIS A 397 12.92 15.53 -7.99
N LEU A 398 12.32 16.02 -9.08
CA LEU A 398 11.97 15.17 -10.20
C LEU A 398 13.20 14.56 -10.86
N VAL A 399 14.29 15.31 -10.92
CA VAL A 399 15.49 14.79 -11.56
C VAL A 399 16.06 13.57 -10.86
N TYR A 400 15.86 13.44 -9.55
CA TYR A 400 16.38 12.29 -8.83
C TYR A 400 15.54 11.01 -8.95
N LEU A 401 14.30 11.08 -9.41
CA LEU A 401 13.53 9.85 -9.53
C LEU A 401 14.11 8.94 -10.60
N VAL A 402 13.78 7.65 -10.49
CA VAL A 402 14.36 6.59 -11.31
C VAL A 402 13.36 6.14 -12.37
N GLY A 403 13.82 6.11 -13.61
CA GLY A 403 13.02 5.69 -14.75
C GLY A 403 12.25 6.81 -15.38
N PHE A 404 12.18 6.81 -16.71
CA PHE A 404 11.55 7.92 -17.43
C PHE A 404 10.03 7.89 -17.30
N LYS A 405 9.42 6.70 -17.28
CA LYS A 405 8.00 6.63 -16.99
C LYS A 405 7.69 7.17 -15.61
N THR A 406 8.52 6.86 -14.62
CA THR A 406 8.28 7.38 -13.28
C THR A 406 8.22 8.90 -13.29
N LYS A 407 9.11 9.53 -14.04
CA LYS A 407 9.12 10.98 -14.15
C LYS A 407 7.89 11.51 -14.88
N ILE A 408 7.48 10.86 -15.96
CA ILE A 408 6.24 11.26 -16.62
C ILE A 408 5.04 11.11 -15.70
N VAL A 409 4.90 9.98 -15.02
CA VAL A 409 3.72 9.71 -14.24
C VAL A 409 3.66 10.61 -13.01
N THR A 410 4.80 10.90 -12.39
CA THR A 410 4.83 11.89 -11.33
C THR A 410 4.52 13.29 -11.84
N LEU A 411 5.05 13.64 -13.02
CA LEU A 411 4.74 14.95 -13.58
C LEU A 411 3.25 15.10 -13.92
N LEU A 412 2.61 14.05 -14.43
CA LEU A 412 1.17 14.08 -14.61
C LEU A 412 0.40 14.15 -13.29
N SER A 413 0.87 13.46 -12.26
CA SER A 413 0.21 13.54 -10.97
C SER A 413 0.33 14.92 -10.34
N TRP A 414 1.48 15.57 -10.50
CA TRP A 414 1.61 16.97 -10.12
C TRP A 414 0.72 17.87 -10.97
N GLY A 415 0.72 17.67 -12.28
CA GLY A 415 -0.12 18.49 -13.13
C GLY A 415 -1.58 18.48 -12.72
N VAL A 416 -2.12 17.29 -12.46
CA VAL A 416 -3.49 17.20 -11.96
C VAL A 416 -3.61 17.81 -10.56
N THR A 417 -2.75 17.40 -9.63
CA THR A 417 -2.97 17.79 -8.25
C THR A 417 -2.79 19.28 -8.02
N PHE A 418 -1.95 19.95 -8.81
CA PHE A 418 -1.70 21.37 -8.62
C PHE A 418 -2.51 22.25 -9.57
N LEU A 419 -2.87 21.78 -10.76
CA LEU A 419 -3.74 22.59 -11.60
C LEU A 419 -5.21 22.34 -11.29
N SER A 420 -5.60 21.08 -11.23
CA SER A 420 -6.89 20.71 -10.65
C SER A 420 -6.70 20.57 -9.14
N THR A 421 -7.60 19.87 -8.47
CA THR A 421 -7.49 19.60 -7.06
C THR A 421 -7.66 18.13 -6.73
N LYS A 422 -7.97 17.29 -7.70
CA LYS A 422 -8.11 15.86 -7.46
C LYS A 422 -6.77 15.26 -7.07
N ARG A 423 -6.83 14.17 -6.31
CA ARG A 423 -5.65 13.39 -5.95
C ARG A 423 -5.89 11.93 -6.28
N GLY A 424 -4.90 11.30 -6.91
CA GLY A 424 -5.10 9.96 -7.42
C GLY A 424 -5.13 8.88 -6.35
N GLN A 425 -4.35 9.04 -5.29
CA GLN A 425 -4.05 7.95 -4.40
C GLN A 425 -4.69 8.12 -3.03
N LEU A 426 -5.97 8.49 -2.99
CA LEU A 426 -6.73 8.55 -1.75
C LEU A 426 -7.18 7.17 -1.28
N THR A 427 -6.68 6.10 -1.88
CA THR A 427 -6.94 4.76 -1.36
C THR A 427 -6.31 4.57 0.02
N ILE A 428 -7.13 4.11 0.97
CA ILE A 428 -6.68 3.77 2.31
C ILE A 428 -7.35 2.48 2.74
N THR A 429 -6.74 1.80 3.71
CA THR A 429 -7.33 0.61 4.29
C THR A 429 -7.12 0.64 5.79
N GLU A 430 -8.03 -0.03 6.51
CA GLU A 430 -7.91 -0.09 7.96
C GLU A 430 -6.66 -0.83 8.39
N GLN A 431 -6.27 -1.87 7.67
CA GLN A 431 -5.05 -2.59 8.00
C GLN A 431 -3.82 -1.71 7.86
N GLN A 432 -3.73 -0.96 6.77
CA GLN A 432 -2.63 -0.03 6.61
C GLN A 432 -2.64 1.03 7.70
N ALA A 433 -3.81 1.46 8.13
CA ALA A 433 -3.90 2.52 9.13
C ALA A 433 -3.59 2.05 10.55
N TYR A 434 -3.88 0.80 10.90
CA TYR A 434 -3.83 0.41 12.30
C TYR A 434 -3.03 -0.85 12.62
N ALA A 435 -2.55 -1.61 11.63
CA ALA A 435 -1.87 -2.87 11.91
C ALA A 435 -0.69 -2.70 12.85
N ARG A 436 0.10 -1.65 12.68
CA ARG A 436 1.26 -1.45 13.53
C ARG A 436 0.88 -1.37 15.00
N THR A 437 -0.07 -0.51 15.33
CA THR A 437 -0.48 -0.39 16.73
C THR A 437 -1.20 -1.64 17.21
N ARG A 438 -2.09 -2.21 16.41
CA ARG A 438 -2.83 -3.38 16.88
C ARG A 438 -1.90 -4.58 17.11
N ILE A 439 -0.84 -4.70 16.33
CA ILE A 439 0.19 -5.70 16.59
C ILE A 439 0.94 -5.39 17.88
N GLU A 440 1.40 -4.15 18.05
CA GLU A 440 2.14 -3.88 19.29
C GLU A 440 1.28 -4.04 20.53
N GLU A 441 0.00 -3.70 20.45
CA GLU A 441 -0.93 -3.94 21.55
C GLU A 441 -1.08 -5.42 21.86
N LEU A 442 -1.23 -6.25 20.81
CA LEU A 442 -1.39 -7.67 21.09
C LEU A 442 -0.10 -8.34 21.50
N GLU A 443 1.04 -7.85 21.05
CA GLU A 443 2.32 -8.33 21.60
C GLU A 443 2.51 -7.92 23.06
N GLU A 444 2.04 -6.74 23.44
CA GLU A 444 2.07 -6.34 24.85
C GLU A 444 1.14 -7.18 25.70
N ILE A 445 0.04 -7.67 25.14
CA ILE A 445 -0.74 -8.71 25.82
C ILE A 445 0.04 -10.01 25.89
N ALA A 446 0.58 -10.46 24.74
CA ALA A 446 1.29 -11.72 24.67
C ALA A 446 2.57 -11.74 25.49
N ALA A 447 3.13 -10.59 25.83
CA ALA A 447 4.27 -10.57 26.75
C ALA A 447 3.90 -11.00 28.16
N ALA A 448 2.62 -11.05 28.50
CA ALA A 448 2.21 -11.47 29.83
C ALA A 448 2.65 -12.90 30.11
N SER B 2 -28.72 3.07 19.30
CA SER B 2 -27.70 4.08 19.02
C SER B 2 -28.20 5.07 17.99
N HIS B 3 -27.55 6.24 17.93
CA HIS B 3 -27.90 7.24 16.93
C HIS B 3 -27.62 6.75 15.52
N PRO B 4 -28.27 7.35 14.52
CA PRO B 4 -28.25 6.78 13.16
C PRO B 4 -26.96 7.02 12.40
N GLY B 5 -26.07 7.88 12.88
CA GLY B 5 -24.79 8.03 12.23
C GLY B 5 -24.88 8.57 10.82
N ALA B 6 -25.90 9.38 10.54
CA ALA B 6 -26.13 9.88 9.19
C ALA B 6 -27.05 11.09 9.27
N THR B 7 -27.08 11.84 8.18
CA THR B 7 -28.08 12.91 8.03
C THR B 7 -29.46 12.32 7.76
N ALA B 8 -30.47 12.89 8.40
CA ALA B 8 -31.85 12.46 8.24
C ALA B 8 -32.57 13.31 7.19
N SER B 9 -33.72 12.83 6.74
CA SER B 9 -34.54 13.58 5.80
C SER B 9 -35.99 13.15 5.93
N ASP B 10 -36.88 14.04 5.47
CA ASP B 10 -38.31 13.75 5.38
C ASP B 10 -38.69 12.95 4.15
N ARG B 11 -37.87 13.00 3.10
CA ARG B 11 -38.11 12.28 1.86
C ARG B 11 -37.80 10.78 2.02
N HIS B 12 -38.17 10.02 1.00
CA HIS B 12 -37.96 8.58 0.98
C HIS B 12 -36.48 8.25 1.15
N LYS B 13 -36.18 7.34 2.08
CA LYS B 13 -34.81 7.03 2.46
C LYS B 13 -34.36 5.71 1.85
N VAL B 14 -33.30 5.76 1.04
CA VAL B 14 -32.70 4.58 0.43
C VAL B 14 -31.34 4.35 1.09
N VAL B 15 -31.11 3.13 1.57
CA VAL B 15 -29.79 2.72 2.06
C VAL B 15 -29.21 1.73 1.06
N ILE B 16 -27.96 1.95 0.68
CA ILE B 16 -27.21 1.07 -0.21
C ILE B 16 -26.04 0.52 0.58
N ILE B 17 -25.92 -0.80 0.63
CA ILE B 17 -24.83 -1.47 1.34
C ILE B 17 -23.80 -1.91 0.31
N GLY B 18 -22.55 -1.53 0.54
CA GLY B 18 -21.47 -1.89 -0.36
C GLY B 18 -21.15 -0.84 -1.39
N SER B 19 -19.86 -0.63 -1.62
CA SER B 19 -19.34 0.30 -2.60
C SER B 19 -19.05 -0.36 -3.94
N GLY B 20 -19.65 -1.50 -4.22
CA GLY B 20 -19.26 -2.31 -5.35
C GLY B 20 -19.81 -1.77 -6.66
N PHE B 21 -19.77 -2.62 -7.68
CA PHE B 21 -20.43 -2.27 -8.94
C PHE B 21 -21.93 -2.10 -8.74
N GLY B 22 -22.55 -3.00 -7.98
CA GLY B 22 -23.99 -2.91 -7.77
C GLY B 22 -24.38 -1.71 -6.92
N GLY B 23 -23.69 -1.52 -5.80
CA GLY B 23 -24.04 -0.41 -4.92
C GLY B 23 -23.78 0.93 -5.56
N LEU B 24 -22.60 1.11 -6.14
CA LEU B 24 -22.29 2.39 -6.77
C LEU B 24 -23.14 2.64 -8.00
N THR B 25 -23.47 1.59 -8.77
CA THR B 25 -24.37 1.80 -9.90
C THR B 25 -25.76 2.20 -9.46
N ALA B 26 -26.27 1.63 -8.37
CA ALA B 26 -27.55 2.08 -7.83
C ALA B 26 -27.48 3.52 -7.34
N ALA B 27 -26.38 3.89 -6.70
CA ALA B 27 -26.23 5.26 -6.26
C ALA B 27 -26.22 6.23 -7.43
N LYS B 28 -25.39 5.96 -8.43
CA LYS B 28 -25.38 6.82 -9.60
C LYS B 28 -26.74 6.88 -10.25
N THR B 29 -27.49 5.77 -10.25
CA THR B 29 -28.80 5.76 -10.88
C THR B 29 -29.78 6.67 -10.14
N LEU B 30 -29.64 6.82 -8.82
CA LEU B 30 -30.57 7.62 -8.05
C LEU B 30 -30.22 9.10 -8.04
N LYS B 31 -29.25 9.53 -8.86
CA LYS B 31 -28.71 10.87 -8.79
C LYS B 31 -29.75 11.99 -8.87
N ARG B 32 -30.92 11.73 -9.45
CA ARG B 32 -31.97 12.74 -9.47
C ARG B 32 -33.34 12.15 -9.14
N ALA B 33 -33.38 11.11 -8.32
CA ALA B 33 -34.58 10.31 -8.13
C ALA B 33 -35.46 10.80 -6.99
N ASP B 34 -35.19 11.96 -6.41
CA ASP B 34 -35.95 12.46 -5.27
C ASP B 34 -35.97 11.48 -4.10
N VAL B 35 -34.78 11.03 -3.71
CA VAL B 35 -34.61 10.12 -2.58
C VAL B 35 -33.38 10.59 -1.82
N ASP B 36 -33.34 10.26 -0.53
CA ASP B 36 -32.15 10.46 0.28
C ASP B 36 -31.38 9.14 0.36
N VAL B 37 -30.18 9.13 -0.20
CA VAL B 37 -29.39 7.91 -0.34
C VAL B 37 -28.27 7.90 0.69
N LYS B 38 -28.22 6.86 1.51
CA LYS B 38 -27.05 6.54 2.33
C LYS B 38 -26.37 5.37 1.65
N LEU B 39 -25.08 5.50 1.35
CA LEU B 39 -24.29 4.38 0.87
C LEU B 39 -23.28 3.97 1.91
N ILE B 40 -23.41 2.76 2.44
CA ILE B 40 -22.59 2.28 3.55
C ILE B 40 -21.63 1.24 3.02
N ALA B 41 -20.34 1.42 3.27
CA ALA B 41 -19.38 0.48 2.70
C ALA B 41 -18.24 0.19 3.68
N ARG B 42 -17.75 -1.05 3.59
CA ARG B 42 -16.61 -1.48 4.40
C ARG B 42 -15.36 -0.66 4.13
N THR B 43 -15.25 -0.07 2.95
CA THR B 43 -14.07 0.70 2.57
C THR B 43 -14.48 1.95 1.81
N THR B 44 -13.55 2.91 1.77
CA THR B 44 -13.82 4.19 1.14
C THR B 44 -13.79 4.15 -0.38
N HIS B 45 -13.36 3.06 -1.01
CA HIS B 45 -13.02 3.09 -2.42
C HIS B 45 -13.82 2.07 -3.21
N HIS B 46 -14.13 2.43 -4.45
CA HIS B 46 -14.81 1.56 -5.41
C HIS B 46 -13.77 0.73 -6.16
N LEU B 47 -13.51 -0.47 -5.64
CA LEU B 47 -12.44 -1.32 -6.18
C LEU B 47 -12.84 -1.93 -7.51
N PHE B 48 -12.16 -1.53 -8.59
CA PHE B 48 -12.31 -2.17 -9.90
C PHE B 48 -11.55 -3.50 -9.89
N GLN B 49 -12.19 -4.51 -9.30
CA GLN B 49 -11.50 -5.79 -9.10
C GLN B 49 -11.00 -6.48 -10.35
N PRO B 50 -11.58 -6.33 -11.54
CA PRO B 50 -11.02 -6.98 -12.72
C PRO B 50 -9.57 -6.64 -13.04
N LEU B 51 -8.98 -5.61 -12.46
CA LEU B 51 -7.56 -5.34 -12.62
C LEU B 51 -6.76 -5.57 -11.35
N LEU B 52 -7.36 -6.19 -10.34
CA LEU B 52 -6.69 -6.36 -9.06
C LEU B 52 -5.42 -7.20 -9.20
N TYR B 53 -5.45 -8.22 -10.06
CA TYR B 53 -4.24 -9.01 -10.27
C TYR B 53 -3.09 -8.18 -10.79
N GLN B 54 -3.37 -7.05 -11.42
CA GLN B 54 -2.29 -6.19 -11.90
C GLN B 54 -1.62 -5.43 -10.76
N VAL B 55 -2.37 -5.01 -9.74
CA VAL B 55 -1.72 -4.45 -8.57
C VAL B 55 -1.06 -5.52 -7.72
N ALA B 56 -1.63 -6.72 -7.67
CA ALA B 56 -1.00 -7.80 -6.93
C ALA B 56 0.32 -8.26 -7.55
N THR B 57 0.57 -7.98 -8.82
CA THR B 57 1.82 -8.36 -9.47
C THR B 57 2.58 -7.15 -10.00
N GLY B 58 2.33 -5.97 -9.46
CA GLY B 58 3.23 -4.85 -9.61
C GLY B 58 3.04 -3.98 -10.83
N ILE B 59 2.01 -4.21 -11.63
CA ILE B 59 1.89 -3.46 -12.89
C ILE B 59 1.35 -2.06 -12.63
N ILE B 60 0.32 -1.92 -11.80
CA ILE B 60 -0.35 -0.64 -11.58
C ILE B 60 -0.55 -0.43 -10.09
N SER B 61 -0.76 0.82 -9.71
CA SER B 61 -0.94 1.19 -8.32
C SER B 61 -2.43 1.21 -7.93
N GLU B 62 -2.67 1.25 -6.63
CA GLU B 62 -4.02 1.25 -6.09
C GLU B 62 -4.91 2.34 -6.68
N GLY B 63 -4.40 3.57 -6.78
CA GLY B 63 -5.23 4.65 -7.27
C GLY B 63 -5.72 4.51 -8.68
N GLU B 64 -5.14 3.61 -9.47
CA GLU B 64 -5.71 3.29 -10.76
C GLU B 64 -7.02 2.52 -10.66
N ILE B 65 -7.20 1.74 -9.60
CA ILE B 65 -8.34 0.83 -9.51
C ILE B 65 -9.23 1.10 -8.31
N ALA B 66 -8.83 1.94 -7.37
CA ALA B 66 -9.58 2.17 -6.14
C ALA B 66 -9.82 3.66 -5.91
N PRO B 67 -10.56 4.30 -6.81
CA PRO B 67 -10.98 5.68 -6.55
C PRO B 67 -11.89 5.75 -5.34
N ALA B 68 -11.72 6.82 -4.54
CA ALA B 68 -12.56 7.02 -3.38
C ALA B 68 -14.01 7.25 -3.77
N THR B 69 -14.92 6.42 -3.26
CA THR B 69 -16.32 6.52 -3.64
C THR B 69 -16.91 7.87 -3.24
N ARG B 70 -16.45 8.39 -2.11
CA ARG B 70 -16.79 9.74 -1.69
C ARG B 70 -16.51 10.79 -2.76
N VAL B 71 -15.42 10.64 -3.50
CA VAL B 71 -15.08 11.60 -4.54
C VAL B 71 -15.86 11.35 -5.83
N ILE B 72 -16.15 10.11 -6.18
CA ILE B 72 -16.98 9.84 -7.34
C ILE B 72 -18.34 10.52 -7.21
N LEU B 73 -18.98 10.36 -6.06
CA LEU B 73 -20.30 10.93 -5.83
C LEU B 73 -20.28 12.38 -5.36
N ARG B 74 -19.15 13.09 -5.46
CA ARG B 74 -19.05 14.43 -4.89
C ARG B 74 -20.23 15.31 -5.29
N LYS B 75 -20.51 15.40 -6.58
CA LYS B 75 -21.55 16.31 -7.05
C LYS B 75 -22.96 15.79 -6.81
N GLN B 76 -23.14 14.54 -6.42
CA GLN B 76 -24.47 13.99 -6.20
C GLN B 76 -24.96 14.38 -4.81
N LYS B 77 -25.82 15.40 -4.73
CA LYS B 77 -26.28 15.90 -3.45
C LYS B 77 -27.25 14.96 -2.74
N ASN B 78 -27.87 14.03 -3.47
CA ASN B 78 -28.71 13.04 -2.82
C ASN B 78 -27.93 12.06 -1.97
N ALA B 79 -26.64 11.84 -2.26
CA ALA B 79 -25.93 10.70 -1.70
C ALA B 79 -25.00 11.15 -0.59
N GLN B 80 -25.03 10.42 0.52
CA GLN B 80 -24.03 10.48 1.56
C GLN B 80 -23.30 9.16 1.60
N VAL B 81 -22.02 9.18 1.31
CA VAL B 81 -21.17 8.02 1.49
C VAL B 81 -20.77 7.91 2.94
N LEU B 82 -20.87 6.70 3.49
CA LEU B 82 -20.58 6.41 4.88
C LEU B 82 -19.65 5.21 4.93
N LEU B 83 -18.63 5.30 5.77
CA LEU B 83 -17.76 4.19 6.06
C LEU B 83 -18.36 3.36 7.18
N GLY B 84 -18.26 2.04 7.06
CA GLY B 84 -18.65 1.17 8.15
C GLY B 84 -18.86 -0.26 7.74
N ASP B 85 -18.43 -1.18 8.60
CA ASP B 85 -18.79 -2.58 8.46
C ASP B 85 -20.24 -2.77 8.91
N VAL B 86 -21.10 -3.19 7.99
CA VAL B 86 -22.48 -3.52 8.36
C VAL B 86 -22.47 -4.85 9.11
N THR B 87 -22.80 -4.80 10.40
CA THR B 87 -22.80 -5.99 11.23
C THR B 87 -24.16 -6.66 11.32
N HIS B 88 -25.25 -5.92 11.13
CA HIS B 88 -26.57 -6.53 11.20
C HIS B 88 -27.55 -5.76 10.34
N ILE B 89 -28.57 -6.46 9.85
CA ILE B 89 -29.66 -5.83 9.13
C ILE B 89 -30.95 -6.27 9.79
N ASP B 90 -31.80 -5.31 10.15
CA ASP B 90 -33.09 -5.57 10.75
C ASP B 90 -34.17 -5.26 9.73
N LEU B 91 -34.93 -6.28 9.35
CA LEU B 91 -36.01 -6.18 8.38
C LEU B 91 -37.33 -5.81 9.01
N GLU B 92 -37.43 -5.92 10.33
CA GLU B 92 -38.68 -5.62 11.03
C GLU B 92 -38.67 -4.16 11.46
N ASN B 93 -37.57 -3.71 12.05
CA ASN B 93 -37.42 -2.32 12.40
C ASN B 93 -36.88 -1.49 11.24
N LYS B 94 -36.49 -2.14 10.15
CA LYS B 94 -35.92 -1.46 8.99
C LYS B 94 -34.74 -0.58 9.39
N THR B 95 -33.73 -1.21 9.98
CA THR B 95 -32.48 -0.50 10.21
C THR B 95 -31.31 -1.32 9.70
N VAL B 96 -30.25 -0.64 9.29
CA VAL B 96 -28.95 -1.25 9.04
C VAL B 96 -28.00 -0.84 10.15
N ASP B 97 -27.41 -1.82 10.83
CA ASP B 97 -26.55 -1.58 11.98
C ASP B 97 -25.12 -1.85 11.56
N SER B 98 -24.24 -0.90 11.81
CA SER B 98 -22.88 -0.94 11.29
C SER B 98 -21.91 -0.38 12.32
N VAL B 99 -20.65 -0.77 12.16
CA VAL B 99 -19.60 -0.47 13.14
C VAL B 99 -18.47 0.24 12.42
N LEU B 100 -17.90 1.24 13.08
CA LEU B 100 -16.74 1.96 12.57
C LEU B 100 -15.83 2.25 13.75
N LEU B 101 -14.70 1.56 13.80
CA LEU B 101 -13.64 1.78 14.78
C LEU B 101 -14.20 1.87 16.20
N GLY B 102 -15.12 0.95 16.53
CA GLY B 102 -15.66 0.86 17.85
C GLY B 102 -16.95 1.63 18.10
N HIS B 103 -17.42 2.41 17.15
CA HIS B 103 -18.70 3.10 17.28
C HIS B 103 -19.76 2.42 16.45
N THR B 104 -20.93 2.20 17.04
CA THR B 104 -22.02 1.49 16.40
C THR B 104 -23.14 2.45 16.05
N TYR B 105 -23.63 2.35 14.82
CA TYR B 105 -24.67 3.23 14.30
C TYR B 105 -25.80 2.36 13.76
N SER B 106 -27.02 2.89 13.80
CA SER B 106 -28.20 2.19 13.30
C SER B 106 -29.00 3.06 12.35
N THR B 107 -28.64 3.02 11.08
CA THR B 107 -29.22 3.89 10.07
C THR B 107 -30.58 3.36 9.61
N PRO B 108 -31.65 4.14 9.68
CA PRO B 108 -32.94 3.64 9.21
C PRO B 108 -33.02 3.68 7.70
N TYR B 109 -33.96 2.91 7.14
CA TYR B 109 -34.19 2.94 5.71
C TYR B 109 -35.67 2.76 5.42
N ASP B 110 -36.07 3.23 4.24
CA ASP B 110 -37.34 2.90 3.63
C ASP B 110 -37.21 1.94 2.48
N SER B 111 -36.08 1.95 1.77
CA SER B 111 -35.73 0.91 0.82
C SER B 111 -34.26 0.60 0.97
N LEU B 112 -33.90 -0.66 0.71
CA LEU B 112 -32.56 -1.15 0.97
C LEU B 112 -32.06 -1.93 -0.24
N ILE B 113 -30.85 -1.60 -0.70
CA ILE B 113 -30.18 -2.35 -1.75
C ILE B 113 -28.93 -2.97 -1.14
N ILE B 114 -28.90 -4.30 -1.10
CA ILE B 114 -27.80 -5.06 -0.50
C ILE B 114 -26.88 -5.53 -1.61
N ALA B 115 -25.72 -4.89 -1.73
CA ALA B 115 -24.72 -5.23 -2.75
C ALA B 115 -23.39 -5.61 -2.11
N ALA B 116 -23.44 -6.39 -1.03
CA ALA B 116 -22.22 -6.76 -0.33
C ALA B 116 -21.37 -7.78 -1.07
N GLY B 117 -21.90 -8.40 -2.12
CA GLY B 117 -21.09 -9.25 -2.98
C GLY B 117 -20.72 -10.58 -2.33
N ALA B 118 -19.60 -11.14 -2.80
CA ALA B 118 -19.16 -12.45 -2.36
C ALA B 118 -17.64 -12.50 -2.33
N GLY B 119 -17.12 -13.51 -1.63
CA GLY B 119 -15.70 -13.83 -1.67
C GLY B 119 -15.46 -15.23 -2.22
N GLN B 120 -14.19 -15.56 -2.39
CA GLN B 120 -13.78 -16.94 -2.59
C GLN B 120 -14.04 -17.77 -1.32
N SER B 121 -13.96 -19.09 -1.48
CA SER B 121 -14.32 -20.02 -0.41
C SER B 121 -13.32 -21.15 -0.31
N TYR B 122 -13.00 -21.55 0.92
CA TYR B 122 -12.16 -22.69 1.21
C TYR B 122 -12.94 -23.98 1.42
N PHE B 123 -14.22 -24.00 1.04
CA PHE B 123 -15.05 -25.19 1.16
C PHE B 123 -15.09 -25.73 2.59
N GLY B 124 -15.02 -24.83 3.57
CA GLY B 124 -15.06 -25.20 4.98
C GLY B 124 -13.72 -25.44 5.64
N ASN B 125 -12.63 -25.57 4.90
CA ASN B 125 -11.30 -25.67 5.49
C ASN B 125 -10.74 -24.28 5.78
N ASP B 126 -11.53 -23.44 6.44
CA ASP B 126 -11.24 -22.01 6.49
C ASP B 126 -9.84 -21.73 7.05
N HIS B 127 -9.29 -22.64 7.85
CA HIS B 127 -7.95 -22.42 8.38
C HIS B 127 -6.88 -22.40 7.29
N PHE B 128 -7.20 -22.90 6.09
CA PHE B 128 -6.27 -22.73 4.98
C PHE B 128 -5.95 -21.27 4.75
N ALA B 129 -6.85 -20.37 5.15
CA ALA B 129 -6.61 -18.93 4.98
C ALA B 129 -5.38 -18.45 5.72
N GLU B 130 -4.88 -19.20 6.69
CA GLU B 130 -3.61 -18.82 7.32
C GLU B 130 -2.45 -18.91 6.35
N PHE B 131 -2.57 -19.71 5.30
CA PHE B 131 -1.44 -20.07 4.44
C PHE B 131 -1.65 -19.74 2.97
N ALA B 132 -2.89 -19.72 2.49
CA ALA B 132 -3.20 -19.46 1.08
C ALA B 132 -4.16 -18.28 1.02
N PRO B 133 -3.66 -17.05 0.99
CA PRO B 133 -4.54 -15.89 0.94
C PRO B 133 -5.42 -15.89 -0.29
N GLY B 134 -6.65 -15.42 -0.12
CA GLY B 134 -7.56 -15.21 -1.22
C GLY B 134 -7.56 -13.76 -1.66
N MET B 135 -7.18 -13.53 -2.90
CA MET B 135 -7.14 -12.18 -3.46
C MET B 135 -8.55 -11.69 -3.72
N LYS B 136 -9.01 -10.71 -2.93
CA LYS B 136 -10.34 -10.14 -3.13
C LYS B 136 -10.39 -8.67 -2.76
N SER B 137 -9.32 -8.14 -2.16
CA SER B 137 -9.27 -6.76 -1.75
C SER B 137 -7.84 -6.26 -1.94
N ILE B 138 -7.67 -4.94 -1.88
CA ILE B 138 -6.33 -4.38 -1.99
C ILE B 138 -5.43 -4.83 -0.85
N ASP B 139 -5.99 -5.09 0.32
CA ASP B 139 -5.19 -5.71 1.37
C ASP B 139 -4.66 -7.07 0.94
N ASP B 140 -5.52 -7.86 0.29
CA ASP B 140 -5.09 -9.15 -0.24
C ASP B 140 -4.12 -8.97 -1.39
N ALA B 141 -4.39 -8.03 -2.29
CA ALA B 141 -3.51 -7.89 -3.45
C ALA B 141 -2.11 -7.49 -3.04
N LEU B 142 -1.99 -6.55 -2.11
CA LEU B 142 -0.67 -6.18 -1.61
C LEU B 142 -0.03 -7.27 -0.75
N GLU B 143 -0.84 -8.09 -0.06
CA GLU B 143 -0.27 -9.27 0.60
C GLU B 143 0.30 -10.26 -0.40
N LEU B 144 -0.44 -10.57 -1.46
CA LEU B 144 0.09 -11.47 -2.48
C LEU B 144 1.34 -10.92 -3.14
N ARG B 145 1.37 -9.62 -3.44
CA ARG B 145 2.61 -9.05 -3.97
C ARG B 145 3.76 -9.23 -3.00
N GLY B 146 3.52 -8.96 -1.71
CA GLY B 146 4.56 -9.13 -0.72
C GLY B 146 5.07 -10.55 -0.58
N ARG B 147 4.16 -11.52 -0.63
CA ARG B 147 4.56 -12.92 -0.53
C ARG B 147 5.26 -13.40 -1.79
N ILE B 148 4.79 -12.98 -2.96
CA ILE B 148 5.40 -13.42 -4.21
C ILE B 148 6.82 -12.90 -4.30
N LEU B 149 7.00 -11.59 -4.23
CA LEU B 149 8.36 -11.08 -4.32
C LEU B 149 9.21 -11.49 -3.13
N GLY B 150 8.65 -11.62 -1.93
CA GLY B 150 9.43 -12.06 -0.80
C GLY B 150 9.89 -13.50 -0.91
N ALA B 151 9.21 -14.32 -1.71
CA ALA B 151 9.71 -15.67 -1.90
C ALA B 151 11.03 -15.68 -2.66
N PHE B 152 11.14 -14.85 -3.70
CA PHE B 152 12.43 -14.73 -4.37
C PHE B 152 13.47 -14.09 -3.46
N GLU B 153 13.06 -13.08 -2.69
CA GLU B 153 14.01 -12.44 -1.78
C GLU B 153 14.55 -13.40 -0.71
N GLN B 154 13.75 -14.36 -0.27
CA GLN B 154 14.24 -15.40 0.63
C GLN B 154 15.06 -16.45 -0.08
N ALA B 155 14.65 -16.85 -1.28
CA ALA B 155 15.39 -17.87 -2.02
C ALA B 155 16.80 -17.41 -2.39
N GLU B 156 16.99 -16.12 -2.61
CA GLU B 156 18.33 -15.60 -2.92
C GLU B 156 19.32 -15.87 -1.80
N ARG B 157 18.89 -15.91 -0.56
CA ARG B 157 19.81 -16.11 0.56
C ARG B 157 19.95 -17.56 0.98
N SER B 158 18.94 -18.39 0.76
CA SER B 158 18.91 -19.73 1.33
C SER B 158 19.95 -20.64 0.69
N SER B 159 20.85 -21.18 1.51
CA SER B 159 21.87 -22.10 1.04
C SER B 159 21.29 -23.48 0.71
N ASP B 160 20.28 -23.93 1.46
CA ASP B 160 19.72 -25.27 1.27
C ASP B 160 18.96 -25.39 -0.04
N PRO B 161 19.40 -26.26 -0.96
CA PRO B 161 18.67 -26.43 -2.23
C PRO B 161 17.22 -26.86 -2.09
N VAL B 162 16.88 -27.66 -1.08
CA VAL B 162 15.51 -28.12 -0.94
C VAL B 162 14.61 -26.99 -0.48
N ARG B 163 15.11 -26.14 0.41
CA ARG B 163 14.35 -24.96 0.80
C ARG B 163 14.17 -23.99 -0.36
N ARG B 164 15.20 -23.83 -1.19
CA ARG B 164 15.03 -23.01 -2.40
C ARG B 164 13.98 -23.60 -3.33
N ALA B 165 13.99 -24.91 -3.52
CA ALA B 165 12.97 -25.55 -4.34
C ALA B 165 11.57 -25.33 -3.78
N LYS B 166 11.43 -25.40 -2.46
CA LYS B 166 10.15 -25.06 -1.83
C LYS B 166 9.76 -23.61 -2.07
N LEU B 167 10.69 -22.69 -1.90
CA LEU B 167 10.38 -21.27 -2.03
C LEU B 167 9.97 -20.91 -3.45
N LEU B 168 10.72 -21.37 -4.44
CA LEU B 168 10.48 -21.02 -5.84
C LEU B 168 9.40 -21.86 -6.51
N THR B 169 8.57 -22.59 -5.75
CA THR B 169 7.39 -23.24 -6.30
C THR B 169 6.16 -22.46 -5.87
N PHE B 170 5.53 -21.79 -6.83
CA PHE B 170 4.36 -20.94 -6.57
C PHE B 170 3.11 -21.69 -6.97
N THR B 171 2.20 -21.89 -6.03
CA THR B 171 1.02 -22.73 -6.25
C THR B 171 -0.22 -21.86 -6.24
N VAL B 172 -0.97 -21.90 -7.33
CA VAL B 172 -2.23 -21.18 -7.48
C VAL B 172 -3.35 -22.21 -7.49
N VAL B 173 -4.34 -22.03 -6.63
CA VAL B 173 -5.46 -22.97 -6.52
C VAL B 173 -6.69 -22.34 -7.16
N GLY B 174 -7.36 -23.13 -7.99
CA GLY B 174 -8.48 -22.65 -8.78
C GLY B 174 -8.07 -22.20 -10.17
N ALA B 175 -8.80 -22.70 -11.17
CA ALA B 175 -8.53 -22.38 -12.57
C ALA B 175 -9.64 -21.54 -13.19
N GLY B 176 -10.39 -20.79 -12.39
CA GLY B 176 -11.18 -19.73 -12.92
C GLY B 176 -10.35 -18.55 -13.37
N PRO B 177 -11.03 -17.51 -13.87
CA PRO B 177 -10.31 -16.36 -14.42
C PRO B 177 -9.21 -15.81 -13.52
N THR B 178 -9.51 -15.63 -12.24
CA THR B 178 -8.54 -15.08 -11.31
C THR B 178 -7.29 -15.96 -11.20
N GLY B 179 -7.48 -17.27 -11.21
CA GLY B 179 -6.33 -18.15 -11.10
C GLY B 179 -5.49 -18.20 -12.35
N VAL B 180 -6.12 -18.22 -13.53
CA VAL B 180 -5.36 -18.17 -14.76
C VAL B 180 -4.62 -16.84 -14.89
N GLU B 181 -5.25 -15.74 -14.50
CA GLU B 181 -4.56 -14.46 -14.45
C GLU B 181 -3.34 -14.47 -13.55
N MET B 182 -3.49 -15.00 -12.34
CA MET B 182 -2.35 -15.01 -11.42
C MET B 182 -1.26 -15.98 -11.87
N ALA B 183 -1.61 -17.17 -12.33
CA ALA B 183 -0.57 -18.08 -12.80
C ALA B 183 0.18 -17.49 -13.98
N GLY B 184 -0.54 -16.88 -14.92
CA GLY B 184 0.13 -16.19 -16.01
C GLY B 184 1.08 -15.10 -15.54
N GLN B 185 0.57 -14.19 -14.71
CA GLN B 185 1.42 -13.08 -14.30
C GLN B 185 2.57 -13.51 -13.40
N ILE B 186 2.39 -14.53 -12.56
CA ILE B 186 3.52 -15.02 -11.78
C ILE B 186 4.58 -15.65 -12.68
N ALA B 187 4.16 -16.33 -13.75
CA ALA B 187 5.14 -16.90 -14.67
C ALA B 187 5.90 -15.81 -15.42
N GLU B 188 5.19 -14.80 -15.93
CA GLU B 188 5.87 -13.69 -16.60
C GLU B 188 6.75 -12.89 -15.64
N LEU B 189 6.29 -12.72 -14.40
CA LEU B 189 7.08 -12.05 -13.38
C LEU B 189 8.37 -12.81 -13.10
N ALA B 190 8.29 -14.13 -12.99
CA ALA B 190 9.48 -14.93 -12.77
C ALA B 190 10.45 -14.85 -13.94
N ASP B 191 9.98 -15.17 -15.14
CA ASP B 191 10.92 -15.42 -16.24
C ASP B 191 11.21 -14.22 -17.14
N GLN B 192 10.43 -13.13 -17.05
CA GLN B 192 10.71 -11.95 -17.85
C GLN B 192 11.09 -10.72 -17.04
N THR B 193 10.33 -10.38 -16.01
CA THR B 193 10.62 -9.16 -15.26
C THR B 193 11.84 -9.31 -14.37
N LEU B 194 11.90 -10.37 -13.58
CA LEU B 194 13.00 -10.55 -12.64
C LEU B 194 14.23 -11.13 -13.30
N ARG B 195 14.15 -11.48 -14.58
CA ARG B 195 15.28 -11.98 -15.35
C ARG B 195 16.56 -11.21 -15.02
N GLY B 196 17.60 -11.94 -14.65
CA GLY B 196 18.90 -11.35 -14.42
C GLY B 196 19.05 -10.49 -13.18
N SER B 197 18.03 -10.39 -12.33
CA SER B 197 18.09 -9.53 -11.16
C SER B 197 18.65 -10.24 -9.94
N PHE B 198 19.00 -11.51 -10.04
CA PHE B 198 19.39 -12.32 -8.90
C PHE B 198 20.72 -13.00 -9.20
N ARG B 199 21.56 -13.13 -8.18
CA ARG B 199 22.90 -13.65 -8.35
C ARG B 199 23.06 -15.09 -7.92
N HIS B 200 22.30 -15.56 -6.93
CA HIS B 200 22.40 -16.93 -6.47
C HIS B 200 21.38 -17.85 -7.11
N ILE B 201 20.13 -17.45 -7.13
CA ILE B 201 19.09 -18.18 -7.85
C ILE B 201 19.03 -17.70 -9.28
N ASP B 202 18.37 -18.47 -10.14
CA ASP B 202 17.87 -17.96 -11.40
C ASP B 202 16.35 -18.04 -11.39
N PRO B 203 15.64 -16.90 -11.36
CA PRO B 203 14.18 -16.93 -11.29
C PRO B 203 13.51 -17.72 -12.40
N THR B 204 14.15 -17.89 -13.55
CA THR B 204 13.55 -18.68 -14.62
C THR B 204 13.39 -20.15 -14.26
N GLU B 205 14.07 -20.62 -13.21
CA GLU B 205 13.86 -21.98 -12.74
C GLU B 205 12.63 -22.14 -11.86
N ALA B 206 11.97 -21.05 -11.48
CA ALA B 206 10.80 -21.15 -10.62
C ALA B 206 9.68 -21.93 -11.30
N ARG B 207 8.95 -22.70 -10.49
CA ARG B 207 7.79 -23.47 -10.95
C ARG B 207 6.52 -22.74 -10.57
N VAL B 208 5.61 -22.58 -11.52
CA VAL B 208 4.25 -22.11 -11.24
C VAL B 208 3.28 -23.24 -11.50
N ILE B 209 2.51 -23.61 -10.48
CA ILE B 209 1.61 -24.75 -10.53
C ILE B 209 0.19 -24.22 -10.38
N LEU B 210 -0.71 -24.63 -11.27
CA LEU B 210 -2.12 -24.26 -11.21
C LEU B 210 -2.96 -25.49 -10.91
N LEU B 211 -3.67 -25.46 -9.79
CA LEU B 211 -4.46 -26.60 -9.31
C LEU B 211 -5.93 -26.29 -9.45
N ASP B 212 -6.69 -27.24 -10.00
CA ASP B 212 -8.14 -27.20 -9.84
C ASP B 212 -8.70 -28.61 -9.81
N ALA B 213 -9.78 -28.77 -9.05
CA ALA B 213 -10.58 -29.99 -9.11
C ALA B 213 -11.44 -30.08 -10.35
N ALA B 214 -11.72 -28.95 -11.01
CA ALA B 214 -12.43 -28.98 -12.26
C ALA B 214 -11.63 -29.71 -13.34
N PRO B 215 -12.31 -30.37 -14.28
CA PRO B 215 -11.60 -31.09 -15.35
C PRO B 215 -11.11 -30.19 -16.47
N ALA B 216 -11.47 -28.91 -16.48
CA ALA B 216 -11.03 -28.02 -17.55
C ALA B 216 -10.77 -26.64 -16.99
N VAL B 217 -9.81 -25.94 -17.59
CA VAL B 217 -9.56 -24.54 -17.30
C VAL B 217 -10.70 -23.68 -17.83
N LEU B 218 -11.01 -22.61 -17.09
CA LEU B 218 -12.09 -21.70 -17.43
C LEU B 218 -13.38 -22.42 -17.81
N PRO B 219 -13.95 -23.19 -16.91
CA PRO B 219 -15.20 -23.89 -17.20
C PRO B 219 -16.24 -22.98 -17.83
N PRO B 220 -16.34 -21.72 -17.40
CA PRO B 220 -17.32 -20.82 -18.03
C PRO B 220 -17.12 -20.60 -19.52
N MET B 221 -15.91 -20.72 -20.04
CA MET B 221 -15.65 -20.43 -21.44
C MET B 221 -16.05 -21.56 -22.36
N GLY B 222 -16.35 -22.74 -21.81
CA GLY B 222 -16.48 -23.95 -22.60
C GLY B 222 -15.14 -24.51 -23.01
N GLU B 223 -15.22 -25.68 -23.65
CA GLU B 223 -14.06 -26.53 -23.83
C GLU B 223 -12.99 -25.87 -24.69
N LYS B 224 -13.39 -25.26 -25.81
CA LYS B 224 -12.43 -24.82 -26.80
C LYS B 224 -11.53 -23.70 -26.28
N LEU B 225 -12.11 -22.66 -25.69
CA LEU B 225 -11.30 -21.62 -25.07
C LEU B 225 -10.56 -22.12 -23.85
N GLY B 226 -11.13 -23.06 -23.11
CA GLY B 226 -10.40 -23.64 -22.00
C GLY B 226 -9.11 -24.31 -22.43
N LYS B 227 -9.18 -25.15 -23.45
CA LYS B 227 -7.99 -25.77 -24.01
C LYS B 227 -7.04 -24.77 -24.63
N LYS B 228 -7.56 -23.71 -25.26
CA LYS B 228 -6.68 -22.67 -25.80
C LYS B 228 -5.91 -21.97 -24.70
N ALA B 229 -6.58 -21.63 -23.59
CA ALA B 229 -5.89 -21.03 -22.45
C ALA B 229 -4.91 -21.99 -21.80
N ARG B 230 -5.31 -23.23 -21.58
CA ARG B 230 -4.36 -24.20 -21.04
C ARG B 230 -3.13 -24.35 -21.93
N ALA B 231 -3.33 -24.42 -23.25
CA ALA B 231 -2.19 -24.51 -24.16
C ALA B 231 -1.27 -23.31 -24.04
N ARG B 232 -1.83 -22.12 -23.84
CA ARG B 232 -0.98 -20.96 -23.58
C ARG B 232 -0.25 -21.05 -22.25
N LEU B 233 -0.95 -21.44 -21.19
CA LEU B 233 -0.29 -21.58 -19.89
C LEU B 233 0.86 -22.59 -19.95
N GLU B 234 0.60 -23.77 -20.52
CA GLU B 234 1.63 -24.78 -20.64
C GLU B 234 2.78 -24.31 -21.52
N LYS B 235 2.49 -23.53 -22.56
CA LYS B 235 3.57 -22.96 -23.36
C LYS B 235 4.42 -21.98 -22.54
N MET B 236 3.82 -21.32 -21.56
CA MET B 236 4.59 -20.49 -20.63
C MET B 236 5.27 -21.30 -19.54
N GLY B 237 5.13 -22.62 -19.54
CA GLY B 237 5.68 -23.46 -18.51
C GLY B 237 4.94 -23.48 -17.19
N VAL B 238 3.72 -22.96 -17.15
CA VAL B 238 2.86 -23.19 -16.00
C VAL B 238 2.45 -24.65 -16.01
N GLU B 239 2.68 -25.34 -14.89
CA GLU B 239 2.33 -26.76 -14.78
C GLU B 239 0.88 -26.88 -14.35
N VAL B 240 -0.02 -26.90 -15.32
CA VAL B 240 -1.45 -27.01 -15.06
C VAL B 240 -1.78 -28.44 -14.65
N GLN B 241 -2.34 -28.59 -13.44
CA GLN B 241 -2.77 -29.88 -12.92
C GLN B 241 -4.26 -29.81 -12.64
N LEU B 242 -5.02 -30.71 -13.26
CA LEU B 242 -6.48 -30.68 -13.21
C LEU B 242 -7.01 -31.98 -12.63
N GLY B 243 -8.20 -31.91 -12.05
CA GLY B 243 -8.75 -32.99 -11.27
C GLY B 243 -8.11 -33.18 -9.92
N ALA B 244 -7.28 -32.25 -9.49
CA ALA B 244 -6.59 -32.34 -8.20
C ALA B 244 -7.42 -31.63 -7.15
N MET B 245 -7.88 -32.37 -6.14
CA MET B 245 -8.61 -31.77 -5.03
C MET B 245 -7.63 -31.52 -3.91
N VAL B 246 -7.58 -30.29 -3.43
CA VAL B 246 -6.77 -29.96 -2.26
C VAL B 246 -7.38 -30.61 -1.02
N THR B 247 -6.53 -31.30 -0.26
CA THR B 247 -6.95 -31.98 0.96
C THR B 247 -6.29 -31.42 2.20
N ASP B 248 -5.11 -30.82 2.07
CA ASP B 248 -4.49 -30.18 3.23
C ASP B 248 -3.56 -29.07 2.77
N VAL B 249 -3.33 -28.11 3.66
CA VAL B 249 -2.43 -27.00 3.38
C VAL B 249 -1.62 -26.73 4.62
N ASP B 250 -0.33 -26.47 4.43
CA ASP B 250 0.59 -26.10 5.49
C ASP B 250 1.37 -24.90 5.02
N ARG B 251 2.04 -24.24 5.96
CA ARG B 251 3.01 -23.23 5.59
C ARG B 251 4.02 -23.78 4.59
N ASN B 252 4.28 -25.09 4.64
CA ASN B 252 5.21 -25.70 3.69
C ASN B 252 4.62 -26.06 2.34
N GLY B 253 3.31 -26.24 2.18
CA GLY B 253 2.87 -26.79 0.92
C GLY B 253 1.39 -27.15 0.89
N ILE B 254 1.04 -27.92 -0.14
CA ILE B 254 -0.31 -28.43 -0.37
C ILE B 254 -0.25 -29.95 -0.47
N THR B 255 -1.21 -30.63 0.14
CA THR B 255 -1.46 -32.04 -0.12
C THR B 255 -2.73 -32.17 -0.93
N VAL B 256 -2.65 -32.85 -2.08
CA VAL B 256 -3.74 -32.98 -3.04
C VAL B 256 -4.07 -34.44 -3.25
N LYS B 257 -5.34 -34.70 -3.56
CA LYS B 257 -5.83 -36.00 -4.00
C LYS B 257 -6.24 -35.89 -5.47
N ASP B 258 -5.66 -36.75 -6.30
CA ASP B 258 -6.00 -36.78 -7.71
C ASP B 258 -7.32 -37.51 -7.95
N SER B 259 -7.87 -37.33 -9.16
CA SER B 259 -9.11 -37.97 -9.54
C SER B 259 -9.03 -39.49 -9.57
N ASP B 260 -7.82 -40.05 -9.69
CA ASP B 260 -7.66 -41.49 -9.54
C ASP B 260 -7.62 -41.94 -8.09
N GLY B 261 -7.61 -41.00 -7.15
CA GLY B 261 -7.55 -41.31 -5.74
C GLY B 261 -6.16 -41.34 -5.15
N THR B 262 -5.12 -41.20 -5.97
CA THR B 262 -3.77 -41.14 -5.43
C THR B 262 -3.56 -39.82 -4.71
N ILE B 263 -2.81 -39.86 -3.62
CA ILE B 263 -2.52 -38.70 -2.79
C ILE B 263 -1.06 -38.32 -2.97
N ARG B 264 -0.79 -37.02 -3.10
CA ARG B 264 0.56 -36.55 -3.34
C ARG B 264 0.68 -35.12 -2.83
N ARG B 265 1.92 -34.64 -2.73
CA ARG B 265 2.20 -33.37 -2.08
C ARG B 265 3.04 -32.46 -2.95
N ILE B 266 2.67 -31.18 -2.95
CA ILE B 266 3.40 -30.11 -3.60
C ILE B 266 4.04 -29.26 -2.51
N GLU B 267 5.35 -29.31 -2.37
CA GLU B 267 6.06 -28.37 -1.52
C GLU B 267 6.06 -27.00 -2.16
N SER B 268 5.58 -25.99 -1.45
CA SER B 268 5.34 -24.68 -2.03
C SER B 268 5.15 -23.62 -0.96
N ALA B 269 6.04 -22.63 -0.91
CA ALA B 269 5.94 -21.59 0.10
C ALA B 269 4.84 -20.58 -0.21
N CYS B 270 4.92 -19.90 -1.35
CA CYS B 270 3.88 -18.96 -1.74
C CYS B 270 2.70 -19.70 -2.36
N LYS B 271 1.51 -19.47 -1.79
CA LYS B 271 0.28 -20.10 -2.23
C LYS B 271 -0.77 -19.03 -2.44
N VAL B 272 -1.62 -19.22 -3.43
CA VAL B 272 -2.71 -18.30 -3.74
C VAL B 272 -3.99 -19.10 -3.88
N TRP B 273 -5.05 -18.64 -3.22
CA TRP B 273 -6.34 -19.31 -3.28
C TRP B 273 -7.33 -18.47 -4.09
N SER B 274 -8.03 -19.11 -5.01
CA SER B 274 -9.05 -18.44 -5.80
C SER B 274 -10.22 -19.34 -6.12
N ALA B 275 -10.24 -20.57 -5.65
CA ALA B 275 -11.34 -21.49 -5.90
C ALA B 275 -12.62 -21.09 -5.17
N GLY B 276 -13.73 -21.56 -5.70
CA GLY B 276 -15.04 -21.45 -5.07
C GLY B 276 -15.57 -20.03 -4.94
N VAL B 277 -16.73 -19.95 -4.29
CA VAL B 277 -17.37 -18.67 -3.96
C VAL B 277 -18.17 -18.86 -2.68
N SER B 278 -18.36 -17.75 -1.94
CA SER B 278 -19.29 -17.74 -0.83
C SER B 278 -19.81 -16.33 -0.64
N ALA B 279 -21.13 -16.17 -0.61
CA ALA B 279 -21.73 -14.87 -0.40
C ALA B 279 -21.28 -14.29 0.93
N SER B 280 -21.44 -12.97 1.07
CA SER B 280 -21.16 -12.32 2.33
C SER B 280 -21.98 -12.93 3.47
N PRO B 281 -21.44 -12.90 4.70
CA PRO B 281 -22.15 -13.49 5.83
C PRO B 281 -23.56 -12.95 6.04
N LEU B 282 -23.81 -11.73 5.56
CA LEU B 282 -25.12 -11.12 5.73
C LEU B 282 -26.24 -12.02 5.24
N GLY B 283 -25.97 -12.86 4.25
CA GLY B 283 -27.03 -13.70 3.74
C GLY B 283 -27.77 -14.47 4.82
N LYS B 284 -27.04 -14.95 5.82
CA LYS B 284 -27.71 -15.68 6.89
C LYS B 284 -28.63 -14.81 7.71
N ASP B 285 -28.27 -13.55 7.91
CA ASP B 285 -29.15 -12.68 8.68
C ASP B 285 -30.44 -12.43 7.91
N LEU B 286 -30.34 -12.31 6.58
CA LEU B 286 -31.55 -12.25 5.79
C LEU B 286 -32.32 -13.57 5.86
N ALA B 287 -31.62 -14.69 5.76
CA ALA B 287 -32.31 -15.97 5.70
C ALA B 287 -33.11 -16.24 6.97
N GLU B 288 -32.53 -15.99 8.13
CA GLU B 288 -33.27 -16.26 9.35
C GLU B 288 -34.42 -15.27 9.54
N GLN B 289 -34.32 -14.05 9.00
CA GLN B 289 -35.42 -13.11 9.18
C GLN B 289 -36.53 -13.32 8.15
N SER B 290 -36.20 -13.38 6.88
CA SER B 290 -37.23 -13.42 5.84
C SER B 290 -37.68 -14.83 5.51
N GLY B 291 -36.86 -15.83 5.81
CA GLY B 291 -37.08 -17.17 5.31
C GLY B 291 -36.69 -17.37 3.86
N VAL B 292 -36.02 -16.39 3.24
CA VAL B 292 -35.45 -16.61 1.93
C VAL B 292 -34.41 -17.72 2.07
N GLU B 293 -34.44 -18.66 1.13
CA GLU B 293 -33.49 -19.76 1.15
C GLU B 293 -32.21 -19.37 0.42
N LEU B 294 -31.14 -20.09 0.73
CA LEU B 294 -29.83 -19.83 0.17
C LEU B 294 -29.35 -21.03 -0.63
N ASP B 295 -28.57 -20.76 -1.67
CA ASP B 295 -27.87 -21.83 -2.35
C ASP B 295 -26.72 -22.33 -1.49
N ARG B 296 -26.07 -23.41 -1.93
CA ARG B 296 -24.73 -23.70 -1.47
C ARG B 296 -23.77 -22.63 -1.99
N ALA B 297 -22.95 -22.09 -1.10
CA ALA B 297 -22.28 -20.79 -1.18
C ALA B 297 -23.13 -19.67 -0.59
N GLY B 298 -24.35 -19.94 -0.14
CA GLY B 298 -25.03 -18.97 0.68
C GLY B 298 -25.54 -17.75 -0.04
N ARG B 299 -25.51 -17.74 -1.37
CA ARG B 299 -26.07 -16.62 -2.11
C ARG B 299 -27.59 -16.62 -2.01
N VAL B 300 -28.15 -15.42 -1.90
CA VAL B 300 -29.58 -15.26 -1.66
C VAL B 300 -30.35 -15.55 -2.94
N LYS B 301 -31.22 -16.54 -2.90
CA LYS B 301 -32.07 -16.89 -4.05
C LYS B 301 -33.25 -15.92 -4.13
N VAL B 302 -32.92 -14.68 -4.50
CA VAL B 302 -33.91 -13.61 -4.57
C VAL B 302 -35.06 -13.97 -5.51
N GLN B 303 -36.17 -13.29 -5.31
CA GLN B 303 -37.34 -13.36 -6.18
C GLN B 303 -37.01 -12.80 -7.56
N PRO B 304 -37.88 -13.03 -8.55
CA PRO B 304 -37.60 -12.53 -9.90
C PRO B 304 -37.38 -11.05 -10.00
N ASP B 305 -37.87 -10.23 -9.05
CA ASP B 305 -37.55 -8.81 -9.04
C ASP B 305 -36.40 -8.47 -8.11
N LEU B 306 -35.56 -9.44 -7.78
CA LEU B 306 -34.43 -9.30 -6.86
C LEU B 306 -34.83 -8.96 -5.44
N THR B 307 -36.11 -9.03 -5.08
CA THR B 307 -36.49 -8.76 -3.71
C THR B 307 -36.42 -10.02 -2.86
N LEU B 308 -36.45 -9.82 -1.55
CA LEU B 308 -36.73 -10.88 -0.59
C LEU B 308 -38.22 -11.17 -0.51
N PRO B 309 -38.61 -12.43 -0.31
CA PRO B 309 -40.02 -12.72 -0.04
C PRO B 309 -40.56 -11.92 1.12
N GLY B 310 -41.68 -11.24 0.89
CA GLY B 310 -42.33 -10.44 1.91
C GLY B 310 -41.71 -9.09 2.21
N HIS B 311 -40.60 -8.74 1.58
CA HIS B 311 -39.94 -7.45 1.79
C HIS B 311 -39.69 -6.78 0.45
N PRO B 312 -40.75 -6.33 -0.22
CA PRO B 312 -40.61 -5.91 -1.62
C PRO B 312 -39.79 -4.66 -1.81
N ASN B 313 -39.39 -3.98 -0.75
CA ASN B 313 -38.48 -2.85 -0.83
C ASN B 313 -37.03 -3.20 -0.55
N VAL B 314 -36.71 -4.47 -0.32
CA VAL B 314 -35.35 -4.90 -0.01
C VAL B 314 -34.83 -5.71 -1.19
N PHE B 315 -33.73 -5.25 -1.78
CA PHE B 315 -33.18 -5.87 -2.98
C PHE B 315 -31.78 -6.39 -2.67
N VAL B 316 -31.44 -7.52 -3.29
CA VAL B 316 -30.06 -8.02 -3.30
C VAL B 316 -29.58 -8.05 -4.74
N VAL B 317 -28.36 -7.56 -4.98
CA VAL B 317 -27.85 -7.38 -6.33
C VAL B 317 -26.40 -7.83 -6.38
N GLY B 318 -25.97 -8.20 -7.59
CA GLY B 318 -24.61 -8.64 -7.81
C GLY B 318 -24.31 -10.00 -7.19
N ASP B 319 -23.03 -10.20 -6.87
CA ASP B 319 -22.54 -11.53 -6.55
C ASP B 319 -23.26 -12.15 -5.37
N MET B 320 -23.88 -11.33 -4.52
CA MET B 320 -24.61 -11.86 -3.38
C MET B 320 -25.91 -12.54 -3.78
N ALA B 321 -26.42 -12.27 -4.98
CA ALA B 321 -27.71 -12.77 -5.40
C ALA B 321 -27.57 -13.98 -6.31
N ALA B 322 -28.25 -15.05 -5.98
CA ALA B 322 -28.32 -16.26 -6.81
C ALA B 322 -29.44 -16.14 -7.85
N VAL B 323 -29.35 -15.12 -8.69
CA VAL B 323 -30.32 -14.97 -9.77
C VAL B 323 -30.11 -16.08 -10.78
N GLU B 324 -31.19 -16.73 -11.16
CA GLU B 324 -31.12 -17.84 -12.10
C GLU B 324 -30.58 -17.39 -13.45
N GLY B 325 -29.60 -18.12 -13.97
CA GLY B 325 -29.01 -17.84 -15.26
C GLY B 325 -28.11 -16.63 -15.34
N VAL B 326 -27.84 -15.94 -14.25
CA VAL B 326 -27.02 -14.73 -14.26
C VAL B 326 -25.63 -15.09 -13.71
N PRO B 327 -24.57 -14.89 -14.46
CA PRO B 327 -23.24 -15.23 -13.97
C PRO B 327 -22.71 -14.20 -12.97
N GLY B 328 -21.80 -14.66 -12.12
CA GLY B 328 -21.16 -13.79 -11.16
C GLY B 328 -20.09 -12.93 -11.80
N VAL B 329 -20.51 -11.91 -12.53
CA VAL B 329 -19.61 -11.04 -13.28
C VAL B 329 -20.04 -9.60 -13.08
N ALA B 330 -19.12 -8.68 -13.36
CA ALA B 330 -19.35 -7.28 -13.08
C ALA B 330 -20.60 -6.76 -13.76
N GLN B 331 -20.86 -7.19 -15.00
CA GLN B 331 -22.10 -6.78 -15.65
C GLN B 331 -23.34 -7.27 -14.93
N GLY B 332 -23.28 -8.42 -14.27
CA GLY B 332 -24.43 -8.85 -13.49
C GLY B 332 -24.72 -7.95 -12.31
N ALA B 333 -23.66 -7.46 -11.65
CA ALA B 333 -23.84 -6.49 -10.57
C ALA B 333 -24.32 -5.15 -11.09
N ILE B 334 -23.67 -4.63 -12.12
CA ILE B 334 -24.10 -3.36 -12.72
C ILE B 334 -25.58 -3.42 -13.10
N GLN B 335 -25.98 -4.43 -13.85
CA GLN B 335 -27.35 -4.51 -14.32
C GLN B 335 -28.32 -4.73 -13.17
N GLY B 336 -27.98 -5.56 -12.19
CA GLY B 336 -28.87 -5.73 -11.05
C GLY B 336 -29.06 -4.46 -10.24
N GLY B 337 -27.97 -3.74 -9.97
CA GLY B 337 -28.09 -2.49 -9.24
C GLY B 337 -28.87 -1.43 -10.01
N ARG B 338 -28.60 -1.31 -11.30
CA ARG B 338 -29.39 -0.40 -12.13
C ARG B 338 -30.86 -0.77 -12.14
N TYR B 339 -31.17 -2.06 -12.18
CA TYR B 339 -32.57 -2.49 -12.16
C TYR B 339 -33.24 -2.12 -10.85
N ALA B 340 -32.62 -2.48 -9.73
CA ALA B 340 -33.22 -2.17 -8.43
C ALA B 340 -33.41 -0.67 -8.24
N ALA B 341 -32.38 0.11 -8.55
CA ALA B 341 -32.49 1.56 -8.42
C ALA B 341 -33.54 2.16 -9.34
N LYS B 342 -33.69 1.63 -10.55
CA LYS B 342 -34.78 2.09 -11.42
C LYS B 342 -36.15 1.71 -10.88
N ILE B 343 -36.29 0.55 -10.25
CA ILE B 343 -37.55 0.23 -9.59
C ILE B 343 -37.85 1.22 -8.48
N ILE B 344 -36.86 1.54 -7.66
CA ILE B 344 -37.05 2.54 -6.63
C ILE B 344 -37.47 3.88 -7.23
N LYS B 345 -36.68 4.37 -8.20
CA LYS B 345 -36.99 5.65 -8.83
C LYS B 345 -38.41 5.67 -9.40
N ARG B 346 -38.81 4.59 -10.06
CA ARG B 346 -40.12 4.54 -10.70
C ARG B 346 -41.26 4.46 -9.69
N GLU B 347 -41.02 3.88 -8.52
CA GLU B 347 -42.11 3.77 -7.54
C GLU B 347 -42.16 4.94 -6.56
N VAL B 348 -41.04 5.63 -6.32
CA VAL B 348 -41.12 6.82 -5.49
C VAL B 348 -41.68 8.00 -6.27
N SER B 349 -41.51 8.02 -7.59
CA SER B 349 -42.17 9.01 -8.40
C SER B 349 -43.69 8.76 -8.39
N GLY B 350 -44.43 9.66 -9.03
CA GLY B 350 -45.86 9.50 -9.14
C GLY B 350 -46.28 8.30 -9.98
N THR B 351 -45.39 7.79 -10.82
CA THR B 351 -45.66 6.58 -11.56
C THR B 351 -45.79 5.38 -10.61
N SER B 352 -46.52 4.36 -11.06
CA SER B 352 -46.64 3.13 -10.30
C SER B 352 -47.08 1.99 -11.21
N PRO B 353 -46.16 1.14 -11.66
CA PRO B 353 -46.57 -0.12 -12.29
C PRO B 353 -47.36 -0.99 -11.32
N LYS B 354 -48.51 -1.49 -11.78
CA LYS B 354 -49.32 -2.36 -10.94
C LYS B 354 -48.56 -3.64 -10.58
N ILE B 355 -47.71 -4.12 -11.49
CA ILE B 355 -46.76 -5.18 -11.17
C ILE B 355 -45.42 -4.85 -11.81
N ARG B 356 -44.35 -5.28 -11.17
CA ARG B 356 -43.00 -5.08 -11.68
C ARG B 356 -42.68 -6.08 -12.79
N THR B 357 -41.98 -5.61 -13.82
CA THR B 357 -41.36 -6.51 -14.78
C THR B 357 -40.15 -7.21 -14.17
N PRO B 358 -40.05 -8.53 -14.29
CA PRO B 358 -38.86 -9.24 -13.78
C PRO B 358 -37.54 -8.69 -14.32
N PHE B 359 -36.46 -8.98 -13.60
CA PHE B 359 -35.12 -8.65 -14.06
C PHE B 359 -34.73 -9.49 -15.27
N GLU B 360 -34.22 -8.83 -16.31
CA GLU B 360 -33.64 -9.50 -17.47
C GLU B 360 -32.16 -9.15 -17.57
N TYR B 361 -31.30 -10.17 -17.52
CA TYR B 361 -29.87 -9.98 -17.73
C TYR B 361 -29.54 -10.04 -19.20
N PHE B 362 -29.05 -8.94 -19.77
CA PHE B 362 -28.58 -8.89 -21.15
C PHE B 362 -27.11 -9.25 -21.20
N ASP B 363 -26.81 -10.51 -21.53
CA ASP B 363 -25.45 -11.03 -21.51
C ASP B 363 -24.60 -10.39 -22.61
N LYS B 364 -23.64 -9.56 -22.20
CA LYS B 364 -22.72 -8.88 -23.12
C LYS B 364 -21.55 -9.75 -23.56
N GLY B 365 -21.53 -11.03 -23.21
CA GLY B 365 -20.35 -11.86 -23.39
C GLY B 365 -19.33 -11.70 -22.27
N SER B 366 -18.27 -12.50 -22.38
CA SER B 366 -17.29 -12.62 -21.30
C SER B 366 -15.90 -12.83 -21.87
N MET B 367 -14.90 -12.46 -21.07
CA MET B 367 -13.51 -12.48 -21.49
C MET B 367 -12.64 -12.86 -20.30
N ALA B 368 -11.50 -13.48 -20.57
CA ALA B 368 -10.48 -13.70 -19.57
C ALA B 368 -9.11 -13.54 -20.19
N THR B 369 -8.26 -12.74 -19.54
CA THR B 369 -6.86 -12.63 -19.97
C THR B 369 -6.06 -13.81 -19.45
N VAL B 370 -5.04 -14.19 -20.21
CA VAL B 370 -4.18 -15.33 -19.89
C VAL B 370 -2.72 -14.93 -19.80
N SER B 371 -2.27 -14.02 -20.66
CA SER B 371 -0.87 -13.64 -20.72
C SER B 371 -0.76 -12.36 -21.52
N ARG B 372 0.41 -11.73 -21.42
CA ARG B 372 0.79 -10.74 -22.41
C ARG B 372 0.53 -11.26 -23.83
N PHE B 373 -0.19 -10.47 -24.61
CA PHE B 373 -0.58 -10.82 -25.98
C PHE B 373 -1.46 -12.07 -26.08
N SER B 374 -2.09 -12.53 -25.01
CA SER B 374 -3.03 -13.62 -25.20
C SER B 374 -4.16 -13.57 -24.17
N ALA B 375 -5.39 -13.76 -24.67
CA ALA B 375 -6.58 -13.79 -23.86
C ALA B 375 -7.58 -14.69 -24.59
N VAL B 376 -8.69 -14.99 -23.93
CA VAL B 376 -9.82 -15.64 -24.59
C VAL B 376 -11.06 -14.79 -24.42
N ALA B 377 -11.94 -14.83 -25.42
CA ALA B 377 -13.16 -14.04 -25.40
C ALA B 377 -14.27 -14.83 -26.09
N LYS B 378 -15.47 -14.74 -25.53
CA LYS B 378 -16.67 -15.29 -26.14
C LYS B 378 -17.77 -14.25 -26.13
N VAL B 379 -18.41 -14.05 -27.29
CA VAL B 379 -19.43 -13.05 -27.48
C VAL B 379 -20.54 -13.69 -28.31
N GLY B 380 -21.54 -14.25 -27.63
CA GLY B 380 -22.59 -14.98 -28.28
C GLY B 380 -22.06 -16.13 -29.11
N PRO B 381 -22.32 -16.12 -30.41
CA PRO B 381 -21.80 -17.19 -31.27
C PRO B 381 -20.34 -17.06 -31.64
N VAL B 382 -19.68 -15.95 -31.31
CA VAL B 382 -18.31 -15.71 -31.72
C VAL B 382 -17.38 -16.12 -30.59
N GLU B 383 -16.44 -17.01 -30.88
CA GLU B 383 -15.42 -17.42 -29.93
C GLU B 383 -14.07 -17.12 -30.55
N PHE B 384 -13.24 -16.35 -29.85
CA PHE B 384 -11.96 -15.95 -30.42
C PHE B 384 -10.97 -15.75 -29.31
N ALA B 385 -9.69 -15.77 -29.67
CA ALA B 385 -8.61 -15.86 -28.70
C ALA B 385 -7.35 -15.26 -29.29
N GLY B 386 -6.35 -15.11 -28.43
CA GLY B 386 -5.06 -14.57 -28.83
C GLY B 386 -4.94 -13.06 -28.76
N PHE B 387 -4.08 -12.49 -29.61
CA PHE B 387 -3.71 -11.09 -29.47
C PHE B 387 -4.90 -10.15 -29.62
N PHE B 388 -5.78 -10.39 -30.58
CA PHE B 388 -6.91 -9.49 -30.76
C PHE B 388 -7.87 -9.54 -29.59
N ALA B 389 -8.11 -10.73 -29.03
CA ALA B 389 -8.90 -10.84 -27.81
C ALA B 389 -8.22 -10.12 -26.65
N TRP B 390 -6.90 -10.14 -26.59
CA TRP B 390 -6.21 -9.43 -25.52
C TRP B 390 -6.30 -7.92 -25.66
N LEU B 391 -6.19 -7.39 -26.88
CA LEU B 391 -6.47 -5.98 -27.09
C LEU B 391 -7.91 -5.61 -26.71
N CYS B 392 -8.88 -6.42 -27.13
CA CYS B 392 -10.26 -6.14 -26.74
C CYS B 392 -10.43 -6.17 -25.23
N TRP B 393 -9.75 -7.09 -24.55
CA TRP B 393 -9.82 -7.14 -23.09
C TRP B 393 -9.26 -5.89 -22.45
N LEU B 394 -8.08 -5.45 -22.90
CA LEU B 394 -7.50 -4.23 -22.37
C LEU B 394 -8.42 -3.03 -22.60
N VAL B 395 -8.89 -2.84 -23.82
CA VAL B 395 -9.72 -1.68 -24.11
C VAL B 395 -11.00 -1.70 -23.28
N LEU B 396 -11.67 -2.85 -23.25
CA LEU B 396 -12.91 -2.95 -22.50
C LEU B 396 -12.71 -2.64 -21.04
N HIS B 397 -11.61 -3.11 -20.44
CA HIS B 397 -11.43 -2.84 -19.02
C HIS B 397 -10.94 -1.41 -18.77
N LEU B 398 -10.14 -0.86 -19.67
CA LEU B 398 -9.72 0.54 -19.55
C LEU B 398 -10.90 1.50 -19.64
N VAL B 399 -11.94 1.14 -20.39
CA VAL B 399 -13.12 2.01 -20.46
C VAL B 399 -13.78 2.20 -19.10
N TYR B 400 -13.70 1.20 -18.21
CA TYR B 400 -14.35 1.32 -16.90
C TYR B 400 -13.55 2.07 -15.86
N LEU B 401 -12.28 2.35 -16.08
CA LEU B 401 -11.51 3.11 -15.11
C LEU B 401 -12.03 4.55 -15.01
N VAL B 402 -11.83 5.14 -13.83
CA VAL B 402 -12.42 6.42 -13.47
C VAL B 402 -11.39 7.53 -13.59
N GLY B 403 -11.71 8.53 -14.41
CA GLY B 403 -10.88 9.69 -14.65
C GLY B 403 -9.90 9.52 -15.79
N PHE B 404 -9.72 10.59 -16.57
CA PHE B 404 -8.90 10.50 -17.77
C PHE B 404 -7.43 10.31 -17.45
N LYS B 405 -6.92 11.03 -16.46
CA LYS B 405 -5.53 10.82 -16.04
C LYS B 405 -5.30 9.40 -15.56
N THR B 406 -6.29 8.82 -14.88
CA THR B 406 -6.15 7.43 -14.44
C THR B 406 -6.00 6.49 -15.62
N LYS B 407 -6.74 6.74 -16.69
CA LYS B 407 -6.62 5.96 -17.91
C LYS B 407 -5.26 6.18 -18.59
N ILE B 408 -4.81 7.42 -18.68
CA ILE B 408 -3.50 7.68 -19.28
C ILE B 408 -2.39 6.98 -18.51
N VAL B 409 -2.38 7.11 -17.18
CA VAL B 409 -1.34 6.45 -16.40
C VAL B 409 -1.45 4.93 -16.44
N THR B 410 -2.66 4.38 -16.50
CA THR B 410 -2.81 2.95 -16.73
C THR B 410 -2.23 2.54 -18.08
N LEU B 411 -2.56 3.29 -19.12
CA LEU B 411 -2.09 2.97 -20.46
C LEU B 411 -0.57 3.08 -20.57
N LEU B 412 0.05 4.05 -19.90
CA LEU B 412 1.51 4.10 -19.84
C LEU B 412 2.09 2.90 -19.09
N SER B 413 1.47 2.50 -17.99
CA SER B 413 1.97 1.36 -17.23
C SER B 413 1.87 0.06 -18.02
N TRP B 414 0.78 -0.11 -18.77
CA TRP B 414 0.68 -1.21 -19.71
C TRP B 414 1.71 -1.11 -20.83
N GLY B 415 1.86 0.07 -21.42
CA GLY B 415 2.85 0.24 -22.47
C GLY B 415 4.22 -0.21 -22.04
N VAL B 416 4.71 0.30 -20.91
CA VAL B 416 6.01 -0.13 -20.41
C VAL B 416 6.03 -1.62 -20.06
N THR B 417 4.99 -2.11 -19.36
CA THR B 417 5.06 -3.49 -18.89
C THR B 417 4.91 -4.52 -19.98
N PHE B 418 4.31 -4.19 -21.12
CA PHE B 418 4.13 -5.15 -22.19
C PHE B 418 5.08 -4.95 -23.36
N LEU B 419 5.53 -3.73 -23.64
CA LEU B 419 6.56 -3.56 -24.66
C LEU B 419 7.94 -3.80 -24.08
N SER B 420 8.24 -3.15 -22.97
CA SER B 420 9.37 -3.55 -22.15
C SER B 420 8.91 -4.63 -21.18
N THR B 421 9.75 -4.95 -20.21
CA THR B 421 9.41 -5.91 -19.18
C THR B 421 9.53 -5.32 -17.78
N LYS B 422 9.90 -4.05 -17.66
CA LYS B 422 9.93 -3.40 -16.37
C LYS B 422 8.54 -3.39 -15.74
N ARG B 423 8.50 -3.34 -14.42
CA ARG B 423 7.27 -3.14 -13.67
C ARG B 423 7.49 -2.05 -12.63
N GLY B 424 6.49 -1.20 -12.45
CA GLY B 424 6.62 -0.04 -11.61
C GLY B 424 6.43 -0.29 -10.12
N GLN B 425 5.45 -1.09 -9.76
CA GLN B 425 4.99 -1.20 -8.38
C GLN B 425 5.53 -2.44 -7.68
N LEU B 426 6.82 -2.68 -7.77
CA LEU B 426 7.45 -3.80 -7.07
C LEU B 426 7.76 -3.48 -5.62
N THR B 427 7.22 -2.39 -5.06
CA THR B 427 7.35 -2.14 -3.64
C THR B 427 6.60 -3.19 -2.84
N ILE B 428 7.26 -3.74 -1.82
CA ILE B 428 6.64 -4.64 -0.85
C ILE B 428 7.19 -4.31 0.52
N THR B 429 6.42 -4.67 1.55
CA THR B 429 6.87 -4.49 2.91
C THR B 429 6.45 -5.69 3.75
N GLU B 430 7.23 -5.96 4.79
CA GLU B 430 6.92 -7.08 5.67
C GLU B 430 5.57 -6.91 6.34
N GLN B 431 5.21 -5.67 6.69
CA GLN B 431 3.91 -5.42 7.29
C GLN B 431 2.78 -5.76 6.32
N GLN B 432 2.86 -5.27 5.09
CA GLN B 432 1.85 -5.60 4.10
C GLN B 432 1.81 -7.10 3.82
N ALA B 433 2.95 -7.76 3.85
CA ALA B 433 3.00 -9.18 3.53
C ALA B 433 2.48 -10.07 4.65
N TYR B 434 2.63 -9.68 5.93
CA TYR B 434 2.38 -10.60 7.02
C TYR B 434 1.47 -10.10 8.14
N ALA B 435 1.05 -8.83 8.14
CA ALA B 435 0.27 -8.30 9.25
C ALA B 435 -0.98 -9.12 9.54
N ARG B 436 -1.71 -9.53 8.51
CA ARG B 436 -2.91 -10.34 8.74
C ARG B 436 -2.60 -11.64 9.49
N THR B 437 -1.56 -12.35 9.06
CA THR B 437 -1.13 -13.54 9.78
C THR B 437 -0.72 -13.22 11.21
N ARG B 438 0.13 -12.20 11.38
CA ARG B 438 0.62 -11.84 12.70
C ARG B 438 -0.52 -11.51 13.65
N ILE B 439 -1.48 -10.73 13.18
CA ILE B 439 -2.62 -10.34 13.99
C ILE B 439 -3.48 -11.54 14.35
N GLU B 440 -3.82 -12.38 13.37
CA GLU B 440 -4.68 -13.52 13.70
C GLU B 440 -3.99 -14.51 14.65
N GLU B 441 -2.68 -14.71 14.50
CA GLU B 441 -1.94 -15.52 15.47
C GLU B 441 -1.98 -14.91 16.86
N LEU B 442 -1.75 -13.60 16.96
CA LEU B 442 -1.74 -12.98 18.28
C LEU B 442 -3.12 -12.94 18.90
N GLU B 443 -4.18 -12.79 18.10
CA GLU B 443 -5.54 -12.88 18.63
C GLU B 443 -5.86 -14.30 19.10
N GLU B 444 -5.37 -15.32 18.41
CA GLU B 444 -5.53 -16.68 18.90
C GLU B 444 -4.78 -16.93 20.21
N ILE B 445 -3.64 -16.27 20.41
CA ILE B 445 -2.98 -16.32 21.71
C ILE B 445 -3.79 -15.55 22.76
N ALA B 446 -4.23 -14.34 22.41
CA ALA B 446 -4.97 -13.50 23.34
C ALA B 446 -6.31 -14.10 23.73
N ALA B 447 -6.89 -14.95 22.88
CA ALA B 447 -8.13 -15.61 23.25
C ALA B 447 -7.96 -16.59 24.40
N ALA B 448 -6.72 -16.95 24.75
CA ALA B 448 -6.49 -17.89 25.84
C ALA B 448 -7.02 -17.34 27.16
PA FAD C . 18.22 6.54 4.51
O1A FAD C . 17.29 7.30 3.64
O2A FAD C . 18.29 6.97 5.96
O5B FAD C . 17.89 5.04 4.43
C5B FAD C . 18.50 4.10 5.35
C4B FAD C . 18.45 2.73 4.72
O4B FAD C . 19.04 1.77 5.61
C3B FAD C . 17.03 2.23 4.44
O3B FAD C . 16.98 1.46 3.24
C2B FAD C . 16.76 1.34 5.65
O2B FAD C . 15.80 0.33 5.34
C1B FAD C . 18.13 0.74 5.88
N9A FAD C . 18.35 0.27 7.25
C8A FAD C . 18.18 0.98 8.40
N7A FAD C . 18.46 0.31 9.49
C5A FAD C . 18.85 -0.94 9.01
C6A FAD C . 19.28 -2.11 9.65
N6A FAD C . 19.40 -2.23 10.98
N1A FAD C . 19.60 -3.17 8.88
C2A FAD C . 19.48 -3.05 7.55
N3A FAD C . 19.10 -2.00 6.84
C4A FAD C . 18.79 -0.97 7.63
N1 FAD C . 16.69 15.19 2.21
C2 FAD C . 17.01 16.33 1.55
O2 FAD C . 18.15 16.52 1.09
N3 FAD C . 16.06 17.31 1.37
C4 FAD C . 14.77 17.27 1.81
O4 FAD C . 14.00 18.20 1.60
C4X FAD C . 14.44 16.04 2.52
N5 FAD C . 13.24 15.93 2.98
C5X FAD C . 12.91 14.77 3.66
C6 FAD C . 11.62 14.63 4.15
C7 FAD C . 11.24 13.49 4.83
C7M FAD C . 9.82 13.38 5.34
C8 FAD C . 12.17 12.46 5.05
C8M FAD C . 11.78 11.21 5.80
C9 FAD C . 13.47 12.61 4.56
C9A FAD C . 13.84 13.74 3.87
N10 FAD C . 15.15 13.92 3.37
C10 FAD C . 15.47 15.07 2.68
C1' FAD C . 16.16 12.87 3.52
C2' FAD C . 16.78 12.81 4.91
O2' FAD C . 16.78 14.11 5.51
C3' FAD C . 18.22 12.32 4.79
O3' FAD C . 19.00 13.38 4.25
C4' FAD C . 18.43 11.10 3.89
O4' FAD C . 17.27 10.26 3.95
C5' FAD C . 19.66 10.32 4.29
O5' FAD C . 19.70 9.07 3.57
P FAD C . 20.61 7.88 4.05
O1P FAD C . 21.78 7.70 3.10
O2P FAD C . 21.00 8.06 5.44
O3P FAD C . 19.69 6.62 3.92
PA FAD D . -18.23 -6.20 -4.85
O1A FAD D . -18.14 -5.01 -5.72
O2A FAD D . -17.14 -7.23 -5.10
O5B FAD D . -18.25 -5.85 -3.33
C5B FAD D . -19.35 -5.10 -2.76
C4B FAD D . -18.88 -4.00 -1.83
O4B FAD D . -19.51 -4.18 -0.55
C3B FAD D . -17.37 -3.93 -1.58
O3B FAD D . -16.90 -2.59 -1.60
C2B FAD D . -17.23 -4.51 -0.17
O2B FAD D . -16.14 -3.91 0.51
C1B FAD D . -18.55 -4.08 0.46
N9A FAD D . -18.97 -4.90 1.58
C8A FAD D . -18.89 -6.26 1.68
N7A FAD D . -19.35 -6.75 2.80
C5A FAD D . -19.78 -5.62 3.50
C6A FAD D . -20.36 -5.45 4.76
N6A FAD D . -20.64 -6.46 5.60
N1A FAD D . -20.65 -4.19 5.14
C2A FAD D . -20.37 -3.19 4.32
N3A FAD D . -19.82 -3.22 3.11
C4A FAD D . -19.54 -4.48 2.75
N1 FAD D . -15.79 -10.06 -13.50
C2 FAD D . -15.81 -9.88 -14.86
O2 FAD D . -16.88 -9.77 -15.47
N3 FAD D . -14.62 -9.83 -15.56
C4 FAD D . -13.37 -9.94 -15.03
O4 FAD D . -12.38 -9.88 -15.76
C4X FAD D . -13.36 -10.13 -13.60
N5 FAD D . -12.21 -10.25 -13.01
C5X FAD D . -12.19 -10.45 -11.65
C6 FAD D . -10.96 -10.57 -11.01
C7 FAD D . -10.89 -10.76 -9.64
C7M FAD D . -9.53 -10.90 -9.00
C8 FAD D . -12.06 -10.82 -8.89
C8M FAD D . -12.02 -11.03 -7.40
C9 FAD D . -13.29 -10.69 -9.52
C9A FAD D . -13.37 -10.50 -10.89
N10 FAD D . -14.60 -10.37 -11.56
C10 FAD D . -14.62 -10.18 -12.92
C1' FAD D . -15.87 -10.42 -10.84
C2' FAD D . -16.35 -9.05 -10.41
O2' FAD D . -15.34 -8.37 -9.67
C3' FAD D . -17.59 -9.20 -9.53
O3' FAD D . -18.58 -9.92 -10.25
C4' FAD D . -18.18 -7.86 -9.11
O4' FAD D . -17.13 -7.09 -8.51
C5' FAD D . -19.34 -8.02 -8.16
O5' FAD D . -19.61 -6.75 -7.53
P FAD D . -20.57 -6.64 -6.30
O1P FAD D . -21.07 -5.20 -6.18
O2P FAD D . -21.61 -7.66 -6.37
O3P FAD D . -19.62 -6.92 -5.08
#